data_1LJO
# 
_entry.id   1LJO 
# 
_audit_conform.dict_name       mmcif_pdbx.dic 
_audit_conform.dict_version    5.389 
_audit_conform.dict_location   http://mmcif.pdb.org/dictionaries/ascii/mmcif_pdbx.dic 
# 
loop_
_database_2.database_id 
_database_2.database_code 
_database_2.pdbx_database_accession 
_database_2.pdbx_DOI 
PDB   1LJO         pdb_00001ljo 10.2210/pdb1ljo/pdb 
RCSB  RCSB016002   ?            ?                   
WWPDB D_1000016002 ?            ?                   
# 
loop_
_pdbx_audit_revision_history.ordinal 
_pdbx_audit_revision_history.data_content_type 
_pdbx_audit_revision_history.major_revision 
_pdbx_audit_revision_history.minor_revision 
_pdbx_audit_revision_history.revision_date 
1 'Structure model' 1 0 2002-07-03 
2 'Structure model' 1 1 2008-04-28 
3 'Structure model' 1 2 2011-07-13 
4 'Structure model' 1 3 2017-10-11 
5 'Structure model' 1 4 2024-02-14 
6 'Structure model' 1 5 2024-04-03 
# 
_pdbx_audit_revision_details.ordinal             1 
_pdbx_audit_revision_details.revision_ordinal    1 
_pdbx_audit_revision_details.data_content_type   'Structure model' 
_pdbx_audit_revision_details.provider            repository 
_pdbx_audit_revision_details.type                'Initial release' 
_pdbx_audit_revision_details.description         ? 
_pdbx_audit_revision_details.details             ? 
# 
loop_
_pdbx_audit_revision_group.ordinal 
_pdbx_audit_revision_group.revision_ordinal 
_pdbx_audit_revision_group.data_content_type 
_pdbx_audit_revision_group.group 
1 2 'Structure model' 'Version format compliance' 
2 3 'Structure model' 'Derived calculations'      
3 3 'Structure model' 'Version format compliance' 
4 4 'Structure model' 'Refinement description'    
5 5 'Structure model' 'Data collection'           
6 5 'Structure model' 'Database references'       
7 5 'Structure model' 'Derived calculations'      
8 6 'Structure model' 'Refinement description'    
# 
loop_
_pdbx_audit_revision_category.ordinal 
_pdbx_audit_revision_category.revision_ordinal 
_pdbx_audit_revision_category.data_content_type 
_pdbx_audit_revision_category.category 
1 4 'Structure model' software                      
2 5 'Structure model' chem_comp_atom                
3 5 'Structure model' chem_comp_bond                
4 5 'Structure model' database_2                    
5 5 'Structure model' struct_ref_seq_dif            
6 5 'Structure model' struct_site                   
7 6 'Structure model' pdbx_initial_refinement_model 
# 
loop_
_pdbx_audit_revision_item.ordinal 
_pdbx_audit_revision_item.revision_ordinal 
_pdbx_audit_revision_item.data_content_type 
_pdbx_audit_revision_item.item 
1 4 'Structure model' '_software.classification'            
2 4 'Structure model' '_software.name'                      
3 5 'Structure model' '_database_2.pdbx_DOI'                
4 5 'Structure model' '_database_2.pdbx_database_accession' 
5 5 'Structure model' '_struct_ref_seq_dif.details'         
6 5 'Structure model' '_struct_site.pdbx_auth_asym_id'      
7 5 'Structure model' '_struct_site.pdbx_auth_comp_id'      
8 5 'Structure model' '_struct_site.pdbx_auth_seq_id'       
# 
_pdbx_database_status.status_code                     REL 
_pdbx_database_status.entry_id                        1LJO 
_pdbx_database_status.recvd_initial_deposition_date   2002-04-22 
_pdbx_database_status.deposit_site                    RCSB 
_pdbx_database_status.process_site                    RCSB 
_pdbx_database_status.SG_entry                        . 
_pdbx_database_status.status_code_sf                  REL 
_pdbx_database_status.pdb_format_compatible           Y 
_pdbx_database_status.status_code_mr                  ? 
_pdbx_database_status.status_code_cs                  ? 
_pdbx_database_status.methods_development_category    ? 
_pdbx_database_status.status_code_nmr_data            ? 
# 
loop_
_pdbx_database_related.db_name 
_pdbx_database_related.db_id 
_pdbx_database_related.details 
_pdbx_database_related.content_type 
PDB 1D3B 
;Crystal Structure Of The D3b Subcomplex Of The Human Core Snrnp Domain At 
2.0a Resolution
;
unspecified 
PDB 1B34 'Crystal Structure Of The D1d2 Sub-Complex From The Human Snrnp Core Domain'                                    
unspecified 
PDB 1I81 
;Crystal Structure Of A Heptameric Lsm Protein From Methanobacterium
 Thermoautotrophicum
;
unspecified 
PDB 1I8F 
;The Crystal Structure Of A Heptameric Archaeal Sm Protein: Implications 
For The Eukaryotic Snrnp Core
;
unspecified 
PDB 1I5L 
;Crystal Structure Of An Sm-Like Protein (Af-Sm1) From Archaeoglobus Fulgidus
 Complexed With Short Poly-U Rna
;
unspecified 
PDB 1I4K 
;Crystal Structure Of An Sm-Like Protein (Af-Sm1) From Archaeoglobus 
Fulgidus At 2.5a Resolution
;
unspecified 
PDB 1JRI 
;The Crystal Structure Of An Sm-Like Archaeal Protein With Two Heptamers
 In The Asymmetric Unit.
;
unspecified 
# 
loop_
_audit_author.name 
_audit_author.pdbx_ordinal 
'Toro, I.'       1 
'Basquin, J.'    2 
'Teo-Dreher, H.' 3 
'Suck, D.'       4 
# 
loop_
_citation.id 
_citation.title 
_citation.journal_abbrev 
_citation.journal_volume 
_citation.page_first 
_citation.page_last 
_citation.year 
_citation.journal_id_ASTM 
_citation.country 
_citation.journal_id_ISSN 
_citation.journal_id_CSD 
_citation.book_publisher 
_citation.pdbx_database_id_PubMed 
_citation.pdbx_database_id_DOI 
primary 
;Archaeal Sm proteins form heptameric and hexameric complexes: crystal structures of the Sm1 and Sm2 proteins from the hyperthermophile Archaeoglobus fulgidus.
;
J.Mol.Biol. 320 129  142  2002 JMOBAK UK 0022-2836 0070 ? 12079339 '10.1016/S0022-2836(02)00406-0' 
1       'RNA binding in an Sm core domain: X-ray structure and functional analysis of an archaeal Sm protein complex.' 'Embo J.'   
20  2293 2303 2001 EMJODG UK 0261-4189 0897 ? ?        10.1093/emboj/20.9.2293         
# 
loop_
_citation_author.citation_id 
_citation_author.name 
_citation_author.ordinal 
_citation_author.identifier_ORCID 
primary 'Toro, I.'       1  ? 
primary 'Basquin, J.'    2  ? 
primary 'Teo-Dreher, H.' 3  ? 
primary 'Suck, D.'       4  ? 
1       'Toro, I.'       5  ? 
1       'Thore, S.'      6  ? 
1       'Mayer, C.'      7  ? 
1       'Basquin, J.'    8  ? 
1       'Sraphin, B.'    9  ? 
1       'Suck, D.'       10 ? 
# 
loop_
_entity.id 
_entity.type 
_entity.src_method 
_entity.pdbx_description 
_entity.formula_weight 
_entity.pdbx_number_of_molecules 
_entity.pdbx_ec 
_entity.pdbx_mutation 
_entity.pdbx_fragment 
_entity.details 
1 polymer     man 'Archaeal Sm-like protein AF-Sm2' 8617.045 1  ? 
;'N-terminal GA added'
;
? ? 
2 non-polymer syn 'CADMIUM ION'                     112.411  1  ? ?                       ? ? 
3 non-polymer syn 'ACETIC ACID'                     60.052   3  ? ?                       ? ? 
4 water       nat water                             18.015   33 ? ?                       ? ? 
# 
_entity_poly.entity_id                      1 
_entity_poly.type                           'polypeptide(L)' 
_entity_poly.nstd_linkage                   no 
_entity_poly.nstd_monomer                   no 
_entity_poly.pdbx_seq_one_letter_code       GAMVLPNQMVKSMVGKIIRVEMKGEENQLVGKLEGVDDYMNLYLTNAMECKGEEKVRSLGEIVLRGNNVVLIQPQEE 
_entity_poly.pdbx_seq_one_letter_code_can   GAMVLPNQMVKSMVGKIIRVEMKGEENQLVGKLEGVDDYMNLYLTNAMECKGEEKVRSLGEIVLRGNNVVLIQPQEE 
_entity_poly.pdbx_strand_id                 A 
_entity_poly.pdbx_target_identifier         ? 
# 
loop_
_pdbx_entity_nonpoly.entity_id 
_pdbx_entity_nonpoly.name 
_pdbx_entity_nonpoly.comp_id 
2 'CADMIUM ION' CD  
3 'ACETIC ACID' ACY 
4 water         HOH 
# 
loop_
_entity_poly_seq.entity_id 
_entity_poly_seq.num 
_entity_poly_seq.mon_id 
_entity_poly_seq.hetero 
1 1  GLY n 
1 2  ALA n 
1 3  MET n 
1 4  VAL n 
1 5  LEU n 
1 6  PRO n 
1 7  ASN n 
1 8  GLN n 
1 9  MET n 
1 10 VAL n 
1 11 LYS n 
1 12 SER n 
1 13 MET n 
1 14 VAL n 
1 15 GLY n 
1 16 LYS n 
1 17 ILE n 
1 18 ILE n 
1 19 ARG n 
1 20 VAL n 
1 21 GLU n 
1 22 MET n 
1 23 LYS n 
1 24 GLY n 
1 25 GLU n 
1 26 GLU n 
1 27 ASN n 
1 28 GLN n 
1 29 LEU n 
1 30 VAL n 
1 31 GLY n 
1 32 LYS n 
1 33 LEU n 
1 34 GLU n 
1 35 GLY n 
1 36 VAL n 
1 37 ASP n 
1 38 ASP n 
1 39 TYR n 
1 40 MET n 
1 41 ASN n 
1 42 LEU n 
1 43 TYR n 
1 44 LEU n 
1 45 THR n 
1 46 ASN n 
1 47 ALA n 
1 48 MET n 
1 49 GLU n 
1 50 CYS n 
1 51 LYS n 
1 52 GLY n 
1 53 GLU n 
1 54 GLU n 
1 55 LYS n 
1 56 VAL n 
1 57 ARG n 
1 58 SER n 
1 59 LEU n 
1 60 GLY n 
1 61 GLU n 
1 62 ILE n 
1 63 VAL n 
1 64 LEU n 
1 65 ARG n 
1 66 GLY n 
1 67 ASN n 
1 68 ASN n 
1 69 VAL n 
1 70 VAL n 
1 71 LEU n 
1 72 ILE n 
1 73 GLN n 
1 74 PRO n 
1 75 GLN n 
1 76 GLU n 
1 77 GLU n 
# 
_entity_src_gen.entity_id                          1 
_entity_src_gen.pdbx_src_id                        1 
_entity_src_gen.pdbx_alt_source_flag               sample 
_entity_src_gen.pdbx_seq_type                      ? 
_entity_src_gen.pdbx_beg_seq_num                   ? 
_entity_src_gen.pdbx_end_seq_num                   ? 
_entity_src_gen.gene_src_common_name               ? 
_entity_src_gen.gene_src_genus                     Archaeoglobus 
_entity_src_gen.pdbx_gene_src_gene                 AF0362 
_entity_src_gen.gene_src_species                   ? 
_entity_src_gen.gene_src_strain                    ? 
_entity_src_gen.gene_src_tissue                    ? 
_entity_src_gen.gene_src_tissue_fraction           ? 
_entity_src_gen.gene_src_details                   ? 
_entity_src_gen.pdbx_gene_src_fragment             ? 
_entity_src_gen.pdbx_gene_src_scientific_name      'Archaeoglobus fulgidus' 
_entity_src_gen.pdbx_gene_src_ncbi_taxonomy_id     2234 
_entity_src_gen.pdbx_gene_src_variant              ? 
_entity_src_gen.pdbx_gene_src_cell_line            ? 
_entity_src_gen.pdbx_gene_src_atcc                 ? 
_entity_src_gen.pdbx_gene_src_organ                ? 
_entity_src_gen.pdbx_gene_src_organelle            ? 
_entity_src_gen.pdbx_gene_src_cell                 ? 
_entity_src_gen.pdbx_gene_src_cellular_location    ? 
_entity_src_gen.host_org_common_name               ? 
_entity_src_gen.pdbx_host_org_scientific_name      'Escherichia coli BL21(DE3)' 
_entity_src_gen.pdbx_host_org_ncbi_taxonomy_id     469008 
_entity_src_gen.host_org_genus                     Escherichia 
_entity_src_gen.pdbx_host_org_gene                 ? 
_entity_src_gen.pdbx_host_org_organ                ? 
_entity_src_gen.host_org_species                   'Escherichia coli' 
_entity_src_gen.pdbx_host_org_tissue               ? 
_entity_src_gen.pdbx_host_org_tissue_fraction      ? 
_entity_src_gen.pdbx_host_org_strain               'BL21(DE3)' 
_entity_src_gen.pdbx_host_org_variant              ? 
_entity_src_gen.pdbx_host_org_cell_line            ? 
_entity_src_gen.pdbx_host_org_atcc                 ? 
_entity_src_gen.pdbx_host_org_culture_collection   ? 
_entity_src_gen.pdbx_host_org_cell                 ? 
_entity_src_gen.pdbx_host_org_organelle            ? 
_entity_src_gen.pdbx_host_org_cellular_location    ? 
_entity_src_gen.pdbx_host_org_vector_type          PLASMID 
_entity_src_gen.pdbx_host_org_vector               ? 
_entity_src_gen.host_org_details                   ? 
_entity_src_gen.expression_system_id               ? 
_entity_src_gen.plasmid_name                       'modified pET24d' 
_entity_src_gen.plasmid_details                    ? 
_entity_src_gen.pdbx_description                   ? 
# 
loop_
_chem_comp.id 
_chem_comp.type 
_chem_comp.mon_nstd_flag 
_chem_comp.name 
_chem_comp.pdbx_synonyms 
_chem_comp.formula 
_chem_comp.formula_weight 
ACY non-polymer         . 'ACETIC ACID'   ? 'C2 H4 O2'       60.052  
ALA 'L-peptide linking' y ALANINE         ? 'C3 H7 N O2'     89.093  
ARG 'L-peptide linking' y ARGININE        ? 'C6 H15 N4 O2 1' 175.209 
ASN 'L-peptide linking' y ASPARAGINE      ? 'C4 H8 N2 O3'    132.118 
ASP 'L-peptide linking' y 'ASPARTIC ACID' ? 'C4 H7 N O4'     133.103 
CD  non-polymer         . 'CADMIUM ION'   ? 'Cd 2'           112.411 
CYS 'L-peptide linking' y CYSTEINE        ? 'C3 H7 N O2 S'   121.158 
GLN 'L-peptide linking' y GLUTAMINE       ? 'C5 H10 N2 O3'   146.144 
GLU 'L-peptide linking' y 'GLUTAMIC ACID' ? 'C5 H9 N O4'     147.129 
GLY 'peptide linking'   y GLYCINE         ? 'C2 H5 N O2'     75.067  
HOH non-polymer         . WATER           ? 'H2 O'           18.015  
ILE 'L-peptide linking' y ISOLEUCINE      ? 'C6 H13 N O2'    131.173 
LEU 'L-peptide linking' y LEUCINE         ? 'C6 H13 N O2'    131.173 
LYS 'L-peptide linking' y LYSINE          ? 'C6 H15 N2 O2 1' 147.195 
MET 'L-peptide linking' y METHIONINE      ? 'C5 H11 N O2 S'  149.211 
PRO 'L-peptide linking' y PROLINE         ? 'C5 H9 N O2'     115.130 
SER 'L-peptide linking' y SERINE          ? 'C3 H7 N O3'     105.093 
THR 'L-peptide linking' y THREONINE       ? 'C4 H9 N O3'     119.119 
TYR 'L-peptide linking' y TYROSINE        ? 'C9 H11 N O3'    181.189 
VAL 'L-peptide linking' y VALINE          ? 'C5 H11 N O2'    117.146 
# 
loop_
_pdbx_poly_seq_scheme.asym_id 
_pdbx_poly_seq_scheme.entity_id 
_pdbx_poly_seq_scheme.seq_id 
_pdbx_poly_seq_scheme.mon_id 
_pdbx_poly_seq_scheme.ndb_seq_num 
_pdbx_poly_seq_scheme.pdb_seq_num 
_pdbx_poly_seq_scheme.auth_seq_num 
_pdbx_poly_seq_scheme.pdb_mon_id 
_pdbx_poly_seq_scheme.auth_mon_id 
_pdbx_poly_seq_scheme.pdb_strand_id 
_pdbx_poly_seq_scheme.pdb_ins_code 
_pdbx_poly_seq_scheme.hetero 
A 1 1  GLY 1  1  1  GLY GLY A . n 
A 1 2  ALA 2  2  2  ALA ALA A . n 
A 1 3  MET 3  3  3  MET MET A . n 
A 1 4  VAL 4  4  4  VAL VAL A . n 
A 1 5  LEU 5  5  5  LEU LEU A . n 
A 1 6  PRO 6  6  6  PRO PRO A . n 
A 1 7  ASN 7  7  7  ASN ASN A . n 
A 1 8  GLN 8  8  8  GLN GLN A . n 
A 1 9  MET 9  9  9  MET MET A . n 
A 1 10 VAL 10 10 10 VAL VAL A . n 
A 1 11 LYS 11 11 11 LYS LYS A . n 
A 1 12 SER 12 12 12 SER SER A . n 
A 1 13 MET 13 13 13 MET MET A . n 
A 1 14 VAL 14 14 14 VAL VAL A . n 
A 1 15 GLY 15 15 15 GLY GLY A . n 
A 1 16 LYS 16 16 16 LYS LYS A . n 
A 1 17 ILE 17 17 17 ILE ILE A . n 
A 1 18 ILE 18 18 18 ILE ILE A . n 
A 1 19 ARG 19 19 19 ARG ARG A . n 
A 1 20 VAL 20 20 20 VAL VAL A . n 
A 1 21 GLU 21 21 21 GLU GLU A . n 
A 1 22 MET 22 22 22 MET MET A . n 
A 1 23 LYS 23 23 23 LYS LYS A . n 
A 1 24 GLY 24 24 24 GLY GLY A . n 
A 1 25 GLU 25 25 25 GLU GLU A . n 
A 1 26 GLU 26 26 26 GLU GLU A . n 
A 1 27 ASN 27 27 27 ASN ASN A . n 
A 1 28 GLN 28 28 28 GLN GLN A . n 
A 1 29 LEU 29 29 29 LEU LEU A . n 
A 1 30 VAL 30 30 30 VAL VAL A . n 
A 1 31 GLY 31 31 31 GLY GLY A . n 
A 1 32 LYS 32 32 32 LYS LYS A . n 
A 1 33 LEU 33 33 33 LEU LEU A . n 
A 1 34 GLU 34 34 34 GLU GLU A . n 
A 1 35 GLY 35 35 35 GLY GLY A . n 
A 1 36 VAL 36 36 36 VAL VAL A . n 
A 1 37 ASP 37 37 37 ASP ASP A . n 
A 1 38 ASP 38 38 38 ASP ASP A . n 
A 1 39 TYR 39 39 39 TYR TYR A . n 
A 1 40 MET 40 40 40 MET MET A . n 
A 1 41 ASN 41 41 41 ASN ASN A . n 
A 1 42 LEU 42 42 42 LEU LEU A . n 
A 1 43 TYR 43 43 43 TYR TYR A . n 
A 1 44 LEU 44 44 44 LEU LEU A . n 
A 1 45 THR 45 45 45 THR THR A . n 
A 1 46 ASN 46 46 46 ASN ASN A . n 
A 1 47 ALA 47 47 47 ALA ALA A . n 
A 1 48 MET 48 48 48 MET MET A . n 
A 1 49 GLU 49 49 49 GLU GLU A . n 
A 1 50 CYS 50 50 50 CYS CYS A . n 
A 1 51 LYS 51 51 51 LYS LYS A . n 
A 1 52 GLY 52 52 52 GLY GLY A . n 
A 1 53 GLU 53 53 53 GLU GLU A . n 
A 1 54 GLU 54 54 54 GLU GLU A . n 
A 1 55 LYS 55 55 55 LYS LYS A . n 
A 1 56 VAL 56 56 56 VAL VAL A . n 
A 1 57 ARG 57 57 57 ARG ARG A . n 
A 1 58 SER 58 58 58 SER SER A . n 
A 1 59 LEU 59 59 59 LEU LEU A . n 
A 1 60 GLY 60 60 60 GLY GLY A . n 
A 1 61 GLU 61 61 61 GLU GLU A . n 
A 1 62 ILE 62 62 62 ILE ILE A . n 
A 1 63 VAL 63 63 63 VAL VAL A . n 
A 1 64 LEU 64 64 64 LEU LEU A . n 
A 1 65 ARG 65 65 65 ARG ARG A . n 
A 1 66 GLY 66 66 66 GLY GLY A . n 
A 1 67 ASN 67 67 67 ASN ASN A . n 
A 1 68 ASN 68 68 68 ASN ASN A . n 
A 1 69 VAL 69 69 69 VAL VAL A . n 
A 1 70 VAL 70 70 70 VAL VAL A . n 
A 1 71 LEU 71 71 71 LEU LEU A . n 
A 1 72 ILE 72 72 72 ILE ILE A . n 
A 1 73 GLN 73 73 73 GLN GLN A . n 
A 1 74 PRO 74 74 74 PRO PRO A . n 
A 1 75 GLN 75 75 75 GLN GLN A . n 
A 1 76 GLU 76 76 ?  ?   ?   A . n 
A 1 77 GLU 77 77 ?  ?   ?   A . n 
# 
loop_
_pdbx_nonpoly_scheme.asym_id 
_pdbx_nonpoly_scheme.entity_id 
_pdbx_nonpoly_scheme.mon_id 
_pdbx_nonpoly_scheme.ndb_seq_num 
_pdbx_nonpoly_scheme.pdb_seq_num 
_pdbx_nonpoly_scheme.auth_seq_num 
_pdbx_nonpoly_scheme.pdb_mon_id 
_pdbx_nonpoly_scheme.auth_mon_id 
_pdbx_nonpoly_scheme.pdb_strand_id 
_pdbx_nonpoly_scheme.pdb_ins_code 
B 2 CD  1  78  76  CD  CD  A . 
C 3 ACY 1  201 201 ACY ACY A . 
D 3 ACY 1  202 202 ACY ACY A . 
E 3 ACY 1  203 203 ACY ACY A . 
F 4 HOH 1  307 307 HOH HOH A . 
F 4 HOH 2  309 309 HOH HOH A . 
F 4 HOH 3  316 316 HOH HOH A . 
F 4 HOH 4  317 317 HOH HOH A . 
F 4 HOH 5  319 319 HOH HOH A . 
F 4 HOH 6  320 320 HOH HOH A . 
F 4 HOH 7  323 323 HOH HOH A . 
F 4 HOH 8  324 324 HOH HOH A . 
F 4 HOH 9  330 330 HOH HOH A . 
F 4 HOH 10 377 377 HOH HOH A . 
F 4 HOH 11 382 382 HOH HOH A . 
F 4 HOH 12 385 385 HOH HOH A . 
F 4 HOH 13 387 387 HOH HOH A . 
F 4 HOH 14 398 398 HOH HOH A . 
F 4 HOH 15 401 401 HOH HOH A . 
F 4 HOH 16 404 404 HOH HOH A . 
F 4 HOH 17 405 405 HOH HOH A . 
F 4 HOH 18 409 409 HOH HOH A . 
F 4 HOH 19 411 411 HOH HOH A . 
F 4 HOH 20 415 415 HOH HOH A . 
F 4 HOH 21 421 421 HOH HOH A . 
F 4 HOH 22 422 422 HOH HOH A . 
F 4 HOH 23 424 424 HOH HOH A . 
F 4 HOH 24 426 426 HOH HOH A . 
F 4 HOH 25 428 428 HOH HOH A . 
F 4 HOH 26 430 430 HOH HOH A . 
F 4 HOH 27 431 431 HOH HOH A . 
F 4 HOH 28 436 436 HOH HOH A . 
F 4 HOH 29 442 442 HOH HOH A . 
F 4 HOH 30 443 443 HOH HOH A . 
F 4 HOH 31 444 444 HOH HOH A . 
F 4 HOH 32 445 445 HOH HOH A . 
F 4 HOH 33 446 446 HOH HOH A . 
# 
loop_
_software.name 
_software.classification 
_software.version 
_software.citation_id 
_software.pdbx_ordinal 
SHARP  phasing           . ? 1 
CNS    refinement        . ? 2 
MAR345 'data collection' . ? 3 
XDS    'data scaling'    . ? 4 
# 
_cell.entry_id           1LJO 
_cell.length_a           58.420 
_cell.length_b           58.420 
_cell.length_c           32.084 
_cell.angle_alpha        90.00 
_cell.angle_beta         90.00 
_cell.angle_gamma        120.00 
_cell.Z_PDB              6 
_cell.pdbx_unique_axis   ? 
# 
_symmetry.entry_id                         1LJO 
_symmetry.space_group_name_H-M             'P 6' 
_symmetry.pdbx_full_space_group_name_H-M   ? 
_symmetry.cell_setting                     ? 
_symmetry.Int_Tables_number                168 
# 
_exptl.entry_id          1LJO 
_exptl.method            'X-RAY DIFFRACTION' 
_exptl.crystals_number   1 
# 
_exptl_crystal.id                    1 
_exptl_crystal.density_meas          ? 
_exptl_crystal.density_percent_sol   32.92 
_exptl_crystal.density_Matthews      1.83 
_exptl_crystal.description           ? 
# 
_exptl_crystal_grow.crystal_id      1 
_exptl_crystal_grow.method          'VAPOR DIFFUSION, HANGING DROP' 
_exptl_crystal_grow.temp            293 
_exptl_crystal_grow.temp_details    ? 
_exptl_crystal_grow.pH              3.6 
_exptl_crystal_grow.pdbx_details    
'ammonium sulphate, lithium sulphate, sodium sulphate, pH 3.6, VAPOR DIFFUSION, HANGING DROP, temperature 293K' 
_exptl_crystal_grow.pdbx_pH_range   . 
# 
loop_
_diffrn.id 
_diffrn.ambient_temp 
_diffrn.ambient_temp_details 
_diffrn.crystal_id 
1   100 ? 1 
2   100 ? 1 
1,2 ?   ? 1 
# 
loop_
_diffrn_detector.diffrn_id 
_diffrn_detector.detector 
_diffrn_detector.type 
_diffrn_detector.pdbx_collection_date 
_diffrn_detector.details 
1 CCD           MARRESEARCH 1999-04-29 ? 
2 'IMAGE PLATE' MARRESEARCH 1999-04-20 ? 
# 
loop_
_diffrn_radiation.diffrn_id 
_diffrn_radiation.wavelength_id 
_diffrn_radiation.pdbx_monochromatic_or_laue_m_l 
_diffrn_radiation.monochromator 
_diffrn_radiation.pdbx_diffrn_protocol 
_diffrn_radiation.pdbx_scattering_type 
1 1 M 'Si 111'                'SINGLE WAVELENGTH' x-ray 
2 1 M 'Ni MIRROR + Ni FILTER' 'SINGLE WAVELENGTH' x-ray 
# 
loop_
_diffrn_radiation_wavelength.id 
_diffrn_radiation_wavelength.wavelength 
_diffrn_radiation_wavelength.wt 
1 1      1.0 
2 1.5418 1.0 
# 
loop_
_diffrn_source.diffrn_id 
_diffrn_source.source 
_diffrn_source.type 
_diffrn_source.pdbx_synchrotron_site 
_diffrn_source.pdbx_synchrotron_beamline 
_diffrn_source.pdbx_wavelength 
_diffrn_source.pdbx_wavelength_list 
1 SYNCHROTRON      'ESRF BEAMLINE BM14' ESRF BM14 ? 1      
2 'ROTATING ANODE' 'ELLIOTT GX-21'      ?    ?    ? 1.5418 
# 
_reflns.entry_id                     1LJO 
_reflns.observed_criterion_sigma_I   0 
_reflns.observed_criterion_sigma_F   0 
_reflns.d_resolution_low             27.10 
_reflns.d_resolution_high            1.95 
_reflns.number_obs                   4522 
_reflns.number_all                   4522 
_reflns.percent_possible_obs         97.6 
_reflns.pdbx_Rmerge_I_obs            0.0510000 
_reflns.pdbx_Rsym_value              0.0510000 
_reflns.pdbx_netI_over_sigmaI        10.5 
_reflns.B_iso_Wilson_estimate        18.567 
_reflns.pdbx_redundancy              2.7 
_reflns.R_free_details               ? 
_reflns.limit_h_max                  ? 
_reflns.limit_h_min                  ? 
_reflns.limit_k_max                  ? 
_reflns.limit_k_min                  ? 
_reflns.limit_l_max                  ? 
_reflns.limit_l_min                  ? 
_reflns.observed_criterion_F_max     ? 
_reflns.observed_criterion_F_min     ? 
_reflns.pdbx_ordinal                 1 
_reflns.pdbx_diffrn_id               1,2 
# 
_reflns_shell.d_res_high             1.95 
_reflns_shell.d_res_low              2.06 
_reflns_shell.percent_possible_all   90.9 
_reflns_shell.Rmerge_I_obs           0.1730000 
_reflns_shell.pdbx_Rsym_value        0.1730000 
_reflns_shell.meanI_over_sigI_obs    4.2 
_reflns_shell.pdbx_redundancy        2 
_reflns_shell.percent_possible_obs   ? 
_reflns_shell.number_unique_all      598 
_reflns_shell.pdbx_ordinal           1 
_reflns_shell.pdbx_diffrn_id         1,2 
# 
_refine.entry_id                                 1LJO 
_refine.ls_number_reflns_obs                     4521 
_refine.ls_number_reflns_all                     4681 
_refine.pdbx_ls_sigma_I                          ? 
_refine.pdbx_ls_sigma_F                          0 
_refine.pdbx_data_cutoff_high_absF               ? 
_refine.pdbx_data_cutoff_low_absF                ? 
_refine.ls_d_res_low                             27.10 
_refine.ls_d_res_high                            1.95 
_refine.ls_percent_reflns_obs                    96.6 
_refine.ls_R_factor_obs                          0.1950000 
_refine.ls_R_factor_all                          0.1950000 
_refine.ls_R_factor_R_work                       0.1940000 
_refine.ls_R_factor_R_free                       0.2110000 
_refine.ls_R_factor_R_free_error                 0.014 
_refine.ls_R_factor_R_free_error_details         ? 
_refine.ls_percent_reflns_R_free                 5.0 
_refine.ls_number_reflns_R_free                  226 
_refine.ls_number_parameters                     ? 
_refine.ls_number_restraints                     ? 
_refine.occupancy_min                            ? 
_refine.occupancy_max                            ? 
_refine.correlation_coeff_Fo_to_Fc               ? 
_refine.correlation_coeff_Fo_to_Fc_free          ? 
_refine.B_iso_mean                               25 
_refine.aniso_B[1][1]                            -5.74 
_refine.aniso_B[2][2]                            -5.74 
_refine.aniso_B[3][3]                            11.48 
_refine.aniso_B[1][2]                            -1.46 
_refine.aniso_B[1][3]                            0.00 
_refine.aniso_B[2][3]                            0.00 
_refine.solvent_model_details                    'flat model' 
_refine.solvent_model_param_ksol                 0.379594 
_refine.solvent_model_param_bsol                 56.1311 
_refine.pdbx_solvent_vdw_probe_radii             ? 
_refine.pdbx_solvent_ion_probe_radii             ? 
_refine.pdbx_solvent_shrinkage_radii             ? 
_refine.pdbx_ls_cross_valid_method               THROUGHOUT 
_refine.details                                  'MAXIMUM LIKELIHOOD TARGET' 
_refine.pdbx_starting_model                      'Built by ARP/WARP (68 residues)' 
_refine.pdbx_method_to_determine_struct          SIRAS 
_refine.pdbx_isotropic_thermal_model             ISOTROPIC 
_refine.pdbx_stereochemistry_target_values       'Engh & Huber' 
_refine.pdbx_stereochem_target_val_spec_case     ? 
_refine.pdbx_R_Free_selection_details            RANDOM 
_refine.pdbx_overall_ESU_R_Free                  ? 
_refine.overall_SU_B                             ? 
_refine.ls_redundancy_reflns_obs                 ? 
_refine.B_iso_min                                ? 
_refine.B_iso_max                                ? 
_refine.overall_SU_R_Cruickshank_DPI             ? 
_refine.overall_SU_R_free                        ? 
_refine.overall_SU_ML                            ? 
_refine.pdbx_overall_ESU_R                       ? 
_refine.pdbx_data_cutoff_high_rms_absF           ? 
_refine.pdbx_refine_id                           'X-RAY DIFFRACTION' 
_refine.pdbx_diffrn_id                           1 
_refine.pdbx_TLS_residual_ADP_flag               ? 
_refine.pdbx_overall_phase_error                 ? 
_refine.pdbx_overall_SU_R_free_Cruickshank_DPI   ? 
_refine.pdbx_overall_SU_R_Blow_DPI               ? 
_refine.pdbx_overall_SU_R_free_Blow_DPI          ? 
# 
_refine_analyze.entry_id                        1LJO 
_refine_analyze.Luzzati_coordinate_error_obs    0.20 
_refine_analyze.Luzzati_sigma_a_obs             0.11 
_refine_analyze.Luzzati_d_res_low_obs           5.00 
_refine_analyze.Luzzati_coordinate_error_free   0.24 
_refine_analyze.Luzzati_sigma_a_free            0.24 
_refine_analyze.Luzzati_d_res_low_free          ? 
_refine_analyze.number_disordered_residues      ? 
_refine_analyze.occupancy_sum_hydrogen          ? 
_refine_analyze.occupancy_sum_non_hydrogen      ? 
_refine_analyze.pdbx_Luzzati_d_res_high_obs     ? 
_refine_analyze.pdbx_refine_id                  'X-RAY DIFFRACTION' 
# 
_refine_hist.pdbx_refine_id                   'X-RAY DIFFRACTION' 
_refine_hist.cycle_id                         LAST 
_refine_hist.pdbx_number_atoms_protein        578 
_refine_hist.pdbx_number_atoms_nucleic_acid   0 
_refine_hist.pdbx_number_atoms_ligand         13 
_refine_hist.number_atoms_solvent             33 
_refine_hist.number_atoms_total               624 
_refine_hist.d_res_high                       1.95 
_refine_hist.d_res_low                        27.10 
# 
loop_
_refine_ls_restr.type 
_refine_ls_restr.dev_ideal 
_refine_ls_restr.dev_ideal_target 
_refine_ls_restr.weight 
_refine_ls_restr.number 
_refine_ls_restr.pdbx_refine_id 
_refine_ls_restr.pdbx_restraint_function 
c_bond_d           0.005357 ? ? ? 'X-RAY DIFFRACTION' ? 
c_angle_deg        1.32164  ? ? ? 'X-RAY DIFFRACTION' ? 
c_dihedral_angle_d 25.47853 ? ? ? 'X-RAY DIFFRACTION' ? 
c_improper_angle_d 0.72657  ? ? ? 'X-RAY DIFFRACTION' ? 
c_mcbond_it        2.255    ? ? ? 'X-RAY DIFFRACTION' ? 
c_scbond_it        3.077    ? ? ? 'X-RAY DIFFRACTION' ? 
c_mcangle_it       3.363    ? ? ? 'X-RAY DIFFRACTION' ? 
c_scangle_it       4.729    ? ? ? 'X-RAY DIFFRACTION' ? 
# 
_refine_ls_shell.pdbx_total_number_of_bins_used   6 
_refine_ls_shell.d_res_high                       1.95 
_refine_ls_shell.d_res_low                        2.07 
_refine_ls_shell.number_reflns_R_work             670 
_refine_ls_shell.R_factor_R_work                  0.1990000 
_refine_ls_shell.percent_reflns_obs               91.5 
_refine_ls_shell.R_factor_R_free                  0.2940000 
_refine_ls_shell.R_factor_R_free_error            0.048 
_refine_ls_shell.percent_reflns_R_free            5.4 
_refine_ls_shell.number_reflns_R_free             38 
_refine_ls_shell.number_reflns_obs                708 
_refine_ls_shell.redundancy_reflns_obs            ? 
_refine_ls_shell.number_reflns_all                ? 
_refine_ls_shell.pdbx_refine_id                   'X-RAY DIFFRACTION' 
_refine_ls_shell.R_factor_all                     ? 
# 
loop_
_pdbx_xplor_file.serial_no 
_pdbx_xplor_file.param_file 
_pdbx_xplor_file.topol_file 
_pdbx_xplor_file.pdbx_refine_id 
1 PROTEIN_REP.PARAM PROTEIN.TOP 'X-RAY DIFFRACTION' 
2 WATER_REP.PARAM   WATER.TOP   'X-RAY DIFFRACTION' 
3 ION.PARAM         ION.TOP     'X-RAY DIFFRACTION' 
4 ACY.PAR           ACY.TOP     'X-RAY DIFFRACTION' 
# 
_struct.entry_id                  1LJO 
_struct.title                     
'CRYSTAL STRUCTURE OF AN SM-LIKE PROTEIN (AF-SM2) FROM ARCHAEOGLOBUS FULGIDUS AT 1.95A RESOLUTION' 
_struct.pdbx_model_details        ? 
_struct.pdbx_CASP_flag            ? 
_struct.pdbx_model_type_details   ? 
# 
_struct_keywords.entry_id        1LJO 
_struct_keywords.pdbx_keywords   'UNKNOWN FUNCTION' 
_struct_keywords.text            'SNRNP, SM, CORE SNRNP DOMAIN, RNA BINDING PROTEIN, Unknown Function' 
# 
loop_
_struct_asym.id 
_struct_asym.pdbx_blank_PDB_chainid_flag 
_struct_asym.pdbx_modified 
_struct_asym.entity_id 
_struct_asym.details 
A N N 1 ? 
B N N 2 ? 
C N N 3 ? 
D N N 3 ? 
E N N 3 ? 
F N N 4 ? 
# 
_struct_ref.id                         1 
_struct_ref.db_name                    UNP 
_struct_ref.db_code                    O29885_ARCFU 
_struct_ref.entity_id                  1 
_struct_ref.pdbx_seq_one_letter_code   MVLPNQMVKSMVGKIIRVEMKGEENQLVGKLEGVDDYMNLYLTNAMECKGEEKVRSLGEIVLRGNNVVLIQPQEE 
_struct_ref.pdbx_align_begin           1 
_struct_ref.pdbx_db_accession          O29885 
_struct_ref.pdbx_db_isoform            ? 
# 
_struct_ref_seq.align_id                      1 
_struct_ref_seq.ref_id                        1 
_struct_ref_seq.pdbx_PDB_id_code              1LJO 
_struct_ref_seq.pdbx_strand_id                A 
_struct_ref_seq.seq_align_beg                 1 
_struct_ref_seq.pdbx_seq_align_beg_ins_code   ? 
_struct_ref_seq.seq_align_end                 77 
_struct_ref_seq.pdbx_seq_align_end_ins_code   ? 
_struct_ref_seq.pdbx_db_accession             O29885 
_struct_ref_seq.db_align_beg                  1 
_struct_ref_seq.pdbx_db_align_beg_ins_code    ? 
_struct_ref_seq.db_align_end                  75 
_struct_ref_seq.pdbx_db_align_end_ins_code    ? 
_struct_ref_seq.pdbx_auth_seq_align_beg       1 
_struct_ref_seq.pdbx_auth_seq_align_end       77 
# 
loop_
_struct_ref_seq_dif.align_id 
_struct_ref_seq_dif.pdbx_pdb_id_code 
_struct_ref_seq_dif.mon_id 
_struct_ref_seq_dif.pdbx_pdb_strand_id 
_struct_ref_seq_dif.seq_num 
_struct_ref_seq_dif.pdbx_pdb_ins_code 
_struct_ref_seq_dif.pdbx_seq_db_name 
_struct_ref_seq_dif.pdbx_seq_db_accession_code 
_struct_ref_seq_dif.db_mon_id 
_struct_ref_seq_dif.pdbx_seq_db_seq_num 
_struct_ref_seq_dif.details 
_struct_ref_seq_dif.pdbx_auth_seq_num 
_struct_ref_seq_dif.pdbx_ordinal 
1 1LJO GLY A 1 ? UNP O29885 ? ? 'cloning artifact' 1 1 
1 1LJO ALA A 2 ? UNP O29885 ? ? 'cloning artifact' 2 2 
# 
_pdbx_struct_assembly.id                   1 
_pdbx_struct_assembly.details              author_and_software_defined_assembly 
_pdbx_struct_assembly.method_details       PISA,PQS 
_pdbx_struct_assembly.oligomeric_details   hexameric 
_pdbx_struct_assembly.oligomeric_count     6 
# 
loop_
_pdbx_struct_assembly_prop.biol_id 
_pdbx_struct_assembly_prop.type 
_pdbx_struct_assembly_prop.value 
_pdbx_struct_assembly_prop.details 
1 'ABSA (A^2)' 11110 ? 
1 MORE         -74   ? 
1 'SSA (A^2)'  20190 ? 
# 
_pdbx_struct_assembly_gen.assembly_id       1 
_pdbx_struct_assembly_gen.oper_expression   1,2,3,4,5,6 
_pdbx_struct_assembly_gen.asym_id_list      A,B,C,D,E,F 
# 
loop_
_pdbx_struct_oper_list.id 
_pdbx_struct_oper_list.type 
_pdbx_struct_oper_list.name 
_pdbx_struct_oper_list.symmetry_operation 
_pdbx_struct_oper_list.matrix[1][1] 
_pdbx_struct_oper_list.matrix[1][2] 
_pdbx_struct_oper_list.matrix[1][3] 
_pdbx_struct_oper_list.vector[1] 
_pdbx_struct_oper_list.matrix[2][1] 
_pdbx_struct_oper_list.matrix[2][2] 
_pdbx_struct_oper_list.matrix[2][3] 
_pdbx_struct_oper_list.vector[2] 
_pdbx_struct_oper_list.matrix[3][1] 
_pdbx_struct_oper_list.matrix[3][2] 
_pdbx_struct_oper_list.matrix[3][3] 
_pdbx_struct_oper_list.vector[3] 
1 'identity operation'         1_555 x,y,z     1.0000000000  0.0000000000  0.0000000000  0.0000000000   0.0000000000  1.0000000000 0.0000000000  0.0000000000  0.0000000000  0.0000000000  1.0000000000  0.0000000000  
2 'crystal symmetry operation' 2_555 -y,x-y,z  -0.3308311671 -0.1531628356 -0.9311776870 10.2285759790  0.8851388114  0.2917960119 -0.3624698222 16.2499608115 0.3272308413  -0.9441378253 0.0390351551  25.4249087522 
3 'crystal symmetry operation' 3_555 -x+y,-x,z -0.3308311671 0.8851388114  0.3272308413  -19.3193535496 -0.1531628356 0.2917960119 -0.9441378253 20.8295820007 -0.9311776870 -0.3624698222 0.0390351551  14.4222768692 
4 'crystal symmetry operation' 4_555 -x,-y,z   -0.7744415561 0.4879839838  -0.4026312305 -6.0605183804  0.4879839838  0.0557280159 -0.8710717650 24.7196952081 -0.4026312305 -0.8710717650 -0.2812864598 26.5647904142 
5 'crystal symmetry operation' 5_555 y,-x+y,z  0.5563896110  0.6411468195  0.5285464565  -16.2890943594 -0.3971548276 0.7639320040 -0.5086019428 8.4697343966  -0.7298620717 0.0730660603  0.6796783850  1.1398816621  
6 'crystal symmetry operation' 6_555 x-y,x,z   0.5563896110  -0.3971548276 -0.7298620717 13.2588351692  0.6411468195  0.7639320040 0.0730660603  3.8901132075  0.5285464565  -0.5086019428 0.6796783850  12.1425135451 
# 
_struct_biol.id                    1 
_struct_biol.details               
;The biological assembly is a hexamer generated from the monomer in the asymmetric unit by the operations: -Y,X-Y,Z;  Y-X,-X,Z; -X,-Y,Z; Y,Y-X,Z and X-Y,X,Z
;
_struct_biol.pdbx_parent_biol_id   ? 
# 
loop_
_struct_conf.conf_type_id 
_struct_conf.id 
_struct_conf.pdbx_PDB_helix_id 
_struct_conf.beg_label_comp_id 
_struct_conf.beg_label_asym_id 
_struct_conf.beg_label_seq_id 
_struct_conf.pdbx_beg_PDB_ins_code 
_struct_conf.end_label_comp_id 
_struct_conf.end_label_asym_id 
_struct_conf.end_label_seq_id 
_struct_conf.pdbx_end_PDB_ins_code 
_struct_conf.beg_auth_comp_id 
_struct_conf.beg_auth_asym_id 
_struct_conf.beg_auth_seq_id 
_struct_conf.end_auth_comp_id 
_struct_conf.end_auth_asym_id 
_struct_conf.end_auth_seq_id 
_struct_conf.pdbx_PDB_helix_class 
_struct_conf.details 
_struct_conf.pdbx_PDB_helix_length 
HELX_P HELX_P1 1 LEU A 5  ? MET A 13 ? LEU A 5  MET A 13 1 ? 9 
HELX_P HELX_P2 2 ARG A 65 ? ASN A 67 ? ARG A 65 ASN A 67 5 ? 3 
# 
_struct_conf_type.id          HELX_P 
_struct_conf_type.criteria    ? 
_struct_conf_type.reference   ? 
# 
_struct_sheet.id               A 
_struct_sheet.type             ? 
_struct_sheet.number_strands   5 
_struct_sheet.details          ? 
# 
loop_
_struct_sheet_order.sheet_id 
_struct_sheet_order.range_id_1 
_struct_sheet_order.range_id_2 
_struct_sheet_order.offset 
_struct_sheet_order.sense 
A 1 2 ? anti-parallel 
A 2 3 ? anti-parallel 
A 3 4 ? anti-parallel 
A 4 5 ? anti-parallel 
# 
loop_
_struct_sheet_range.sheet_id 
_struct_sheet_range.id 
_struct_sheet_range.beg_label_comp_id 
_struct_sheet_range.beg_label_asym_id 
_struct_sheet_range.beg_label_seq_id 
_struct_sheet_range.pdbx_beg_PDB_ins_code 
_struct_sheet_range.end_label_comp_id 
_struct_sheet_range.end_label_asym_id 
_struct_sheet_range.end_label_seq_id 
_struct_sheet_range.pdbx_end_PDB_ins_code 
_struct_sheet_range.beg_auth_comp_id 
_struct_sheet_range.beg_auth_asym_id 
_struct_sheet_range.beg_auth_seq_id 
_struct_sheet_range.end_auth_comp_id 
_struct_sheet_range.end_auth_asym_id 
_struct_sheet_range.end_auth_seq_id 
A 1 GLU A 54 ? LEU A 64 ? GLU A 54 LEU A 64 
A 2 LEU A 42 ? LYS A 51 ? LEU A 42 LYS A 51 
A 3 GLN A 28 ? VAL A 36 ? GLN A 28 VAL A 36 
A 4 ILE A 17 ? MET A 22 ? ILE A 17 MET A 22 
A 5 VAL A 69 ? PRO A 74 ? VAL A 69 PRO A 74 
# 
loop_
_pdbx_struct_sheet_hbond.sheet_id 
_pdbx_struct_sheet_hbond.range_id_1 
_pdbx_struct_sheet_hbond.range_id_2 
_pdbx_struct_sheet_hbond.range_1_label_atom_id 
_pdbx_struct_sheet_hbond.range_1_label_comp_id 
_pdbx_struct_sheet_hbond.range_1_label_asym_id 
_pdbx_struct_sheet_hbond.range_1_label_seq_id 
_pdbx_struct_sheet_hbond.range_1_PDB_ins_code 
_pdbx_struct_sheet_hbond.range_1_auth_atom_id 
_pdbx_struct_sheet_hbond.range_1_auth_comp_id 
_pdbx_struct_sheet_hbond.range_1_auth_asym_id 
_pdbx_struct_sheet_hbond.range_1_auth_seq_id 
_pdbx_struct_sheet_hbond.range_2_label_atom_id 
_pdbx_struct_sheet_hbond.range_2_label_comp_id 
_pdbx_struct_sheet_hbond.range_2_label_asym_id 
_pdbx_struct_sheet_hbond.range_2_label_seq_id 
_pdbx_struct_sheet_hbond.range_2_PDB_ins_code 
_pdbx_struct_sheet_hbond.range_2_auth_atom_id 
_pdbx_struct_sheet_hbond.range_2_auth_comp_id 
_pdbx_struct_sheet_hbond.range_2_auth_asym_id 
_pdbx_struct_sheet_hbond.range_2_auth_seq_id 
A 1 2 O LEU A 64 ? O LEU A 64 N LEU A 42 ? N LEU A 42 
A 2 3 O CYS A 50 ? O CYS A 50 N GLN A 28 ? N GLN A 28 
A 3 4 O LEU A 29 ? O LEU A 29 N VAL A 20 ? N VAL A 20 
A 4 5 N GLU A 21 ? N GLU A 21 O VAL A 70 ? O VAL A 70 
# 
loop_
_struct_site.id 
_struct_site.pdbx_evidence_code 
_struct_site.pdbx_auth_asym_id 
_struct_site.pdbx_auth_comp_id 
_struct_site.pdbx_auth_seq_id 
_struct_site.pdbx_auth_ins_code 
_struct_site.pdbx_num_residues 
_struct_site.details 
AC1 Software A ACY 201 ? 3 'BINDING SITE FOR RESIDUE ACY A 201' 
AC2 Software A ACY 202 ? 3 'BINDING SITE FOR RESIDUE ACY A 202' 
AC3 Software A ACY 203 ? 5 'BINDING SITE FOR RESIDUE ACY A 203' 
# 
loop_
_struct_site_gen.id 
_struct_site_gen.site_id 
_struct_site_gen.pdbx_num_res 
_struct_site_gen.label_comp_id 
_struct_site_gen.label_asym_id 
_struct_site_gen.label_seq_id 
_struct_site_gen.pdbx_auth_ins_code 
_struct_site_gen.auth_comp_id 
_struct_site_gen.auth_asym_id 
_struct_site_gen.auth_seq_id 
_struct_site_gen.label_atom_id 
_struct_site_gen.label_alt_id 
_struct_site_gen.symmetry 
_struct_site_gen.details 
1  AC1 3 GLN A 28 ? GLN A 28  . ? 1_555 ? 
2  AC1 3 ASP A 38 ? ASP A 38  . ? 1_554 ? 
3  AC1 3 LYS A 51 ? LYS A 51  . ? 1_555 ? 
4  AC2 3 LYS A 55 ? LYS A 55  . ? 1_555 ? 
5  AC2 3 LYS A 55 ? LYS A 55  . ? 4_565 ? 
6  AC2 3 SER A 58 ? SER A 58  . ? 1_555 ? 
7  AC3 5 ILE A 17 ? ILE A 17  . ? 4_565 ? 
8  AC3 5 ASN A 46 ? ASN A 46  . ? 4_565 ? 
9  AC3 5 GLY A 60 ? GLY A 60  . ? 1_555 ? 
10 AC3 5 GLU A 61 ? GLU A 61  . ? 1_555 ? 
11 AC3 5 HOH F .  ? HOH A 385 . ? 1_555 ? 
# 
loop_
_pdbx_struct_special_symmetry.id 
_pdbx_struct_special_symmetry.PDB_model_num 
_pdbx_struct_special_symmetry.auth_asym_id 
_pdbx_struct_special_symmetry.auth_comp_id 
_pdbx_struct_special_symmetry.auth_seq_id 
_pdbx_struct_special_symmetry.PDB_ins_code 
_pdbx_struct_special_symmetry.label_asym_id 
_pdbx_struct_special_symmetry.label_comp_id 
_pdbx_struct_special_symmetry.label_seq_id 
1 1 A CD  78  ? B CD  . 
2 1 A HOH 307 ? F HOH . 
3 1 A HOH 309 ? F HOH . 
4 1 A HOH 398 ? F HOH . 
5 1 A HOH 442 ? F HOH . 
6 1 A HOH 444 ? F HOH . 
# 
_pdbx_database_remark.id     600 
_pdbx_database_remark.text   
;HETEROGEN
Cd ion sitting on six-fold axis is modelling a 
sulphate ion
;
# 
loop_
_pdbx_unobs_or_zero_occ_residues.id 
_pdbx_unobs_or_zero_occ_residues.PDB_model_num 
_pdbx_unobs_or_zero_occ_residues.polymer_flag 
_pdbx_unobs_or_zero_occ_residues.occupancy_flag 
_pdbx_unobs_or_zero_occ_residues.auth_asym_id 
_pdbx_unobs_or_zero_occ_residues.auth_comp_id 
_pdbx_unobs_or_zero_occ_residues.auth_seq_id 
_pdbx_unobs_or_zero_occ_residues.PDB_ins_code 
_pdbx_unobs_or_zero_occ_residues.label_asym_id 
_pdbx_unobs_or_zero_occ_residues.label_comp_id 
_pdbx_unobs_or_zero_occ_residues.label_seq_id 
1 1 Y 1 A GLU 76 ? A GLU 76 
2 1 Y 1 A GLU 77 ? A GLU 77 
# 
loop_
_chem_comp_atom.comp_id 
_chem_comp_atom.atom_id 
_chem_comp_atom.type_symbol 
_chem_comp_atom.pdbx_aromatic_flag 
_chem_comp_atom.pdbx_stereo_config 
_chem_comp_atom.pdbx_ordinal 
ACY C    C  N N 1   
ACY O    O  N N 2   
ACY OXT  O  N N 3   
ACY CH3  C  N N 4   
ACY HXT  H  N N 5   
ACY H1   H  N N 6   
ACY H2   H  N N 7   
ACY H3   H  N N 8   
ALA N    N  N N 9   
ALA CA   C  N S 10  
ALA C    C  N N 11  
ALA O    O  N N 12  
ALA CB   C  N N 13  
ALA OXT  O  N N 14  
ALA H    H  N N 15  
ALA H2   H  N N 16  
ALA HA   H  N N 17  
ALA HB1  H  N N 18  
ALA HB2  H  N N 19  
ALA HB3  H  N N 20  
ALA HXT  H  N N 21  
ARG N    N  N N 22  
ARG CA   C  N S 23  
ARG C    C  N N 24  
ARG O    O  N N 25  
ARG CB   C  N N 26  
ARG CG   C  N N 27  
ARG CD   C  N N 28  
ARG NE   N  N N 29  
ARG CZ   C  N N 30  
ARG NH1  N  N N 31  
ARG NH2  N  N N 32  
ARG OXT  O  N N 33  
ARG H    H  N N 34  
ARG H2   H  N N 35  
ARG HA   H  N N 36  
ARG HB2  H  N N 37  
ARG HB3  H  N N 38  
ARG HG2  H  N N 39  
ARG HG3  H  N N 40  
ARG HD2  H  N N 41  
ARG HD3  H  N N 42  
ARG HE   H  N N 43  
ARG HH11 H  N N 44  
ARG HH12 H  N N 45  
ARG HH21 H  N N 46  
ARG HH22 H  N N 47  
ARG HXT  H  N N 48  
ASN N    N  N N 49  
ASN CA   C  N S 50  
ASN C    C  N N 51  
ASN O    O  N N 52  
ASN CB   C  N N 53  
ASN CG   C  N N 54  
ASN OD1  O  N N 55  
ASN ND2  N  N N 56  
ASN OXT  O  N N 57  
ASN H    H  N N 58  
ASN H2   H  N N 59  
ASN HA   H  N N 60  
ASN HB2  H  N N 61  
ASN HB3  H  N N 62  
ASN HD21 H  N N 63  
ASN HD22 H  N N 64  
ASN HXT  H  N N 65  
ASP N    N  N N 66  
ASP CA   C  N S 67  
ASP C    C  N N 68  
ASP O    O  N N 69  
ASP CB   C  N N 70  
ASP CG   C  N N 71  
ASP OD1  O  N N 72  
ASP OD2  O  N N 73  
ASP OXT  O  N N 74  
ASP H    H  N N 75  
ASP H2   H  N N 76  
ASP HA   H  N N 77  
ASP HB2  H  N N 78  
ASP HB3  H  N N 79  
ASP HD2  H  N N 80  
ASP HXT  H  N N 81  
CD  CD   CD N N 82  
CYS N    N  N N 83  
CYS CA   C  N R 84  
CYS C    C  N N 85  
CYS O    O  N N 86  
CYS CB   C  N N 87  
CYS SG   S  N N 88  
CYS OXT  O  N N 89  
CYS H    H  N N 90  
CYS H2   H  N N 91  
CYS HA   H  N N 92  
CYS HB2  H  N N 93  
CYS HB3  H  N N 94  
CYS HG   H  N N 95  
CYS HXT  H  N N 96  
GLN N    N  N N 97  
GLN CA   C  N S 98  
GLN C    C  N N 99  
GLN O    O  N N 100 
GLN CB   C  N N 101 
GLN CG   C  N N 102 
GLN CD   C  N N 103 
GLN OE1  O  N N 104 
GLN NE2  N  N N 105 
GLN OXT  O  N N 106 
GLN H    H  N N 107 
GLN H2   H  N N 108 
GLN HA   H  N N 109 
GLN HB2  H  N N 110 
GLN HB3  H  N N 111 
GLN HG2  H  N N 112 
GLN HG3  H  N N 113 
GLN HE21 H  N N 114 
GLN HE22 H  N N 115 
GLN HXT  H  N N 116 
GLU N    N  N N 117 
GLU CA   C  N S 118 
GLU C    C  N N 119 
GLU O    O  N N 120 
GLU CB   C  N N 121 
GLU CG   C  N N 122 
GLU CD   C  N N 123 
GLU OE1  O  N N 124 
GLU OE2  O  N N 125 
GLU OXT  O  N N 126 
GLU H    H  N N 127 
GLU H2   H  N N 128 
GLU HA   H  N N 129 
GLU HB2  H  N N 130 
GLU HB3  H  N N 131 
GLU HG2  H  N N 132 
GLU HG3  H  N N 133 
GLU HE2  H  N N 134 
GLU HXT  H  N N 135 
GLY N    N  N N 136 
GLY CA   C  N N 137 
GLY C    C  N N 138 
GLY O    O  N N 139 
GLY OXT  O  N N 140 
GLY H    H  N N 141 
GLY H2   H  N N 142 
GLY HA2  H  N N 143 
GLY HA3  H  N N 144 
GLY HXT  H  N N 145 
HOH O    O  N N 146 
HOH H1   H  N N 147 
HOH H2   H  N N 148 
ILE N    N  N N 149 
ILE CA   C  N S 150 
ILE C    C  N N 151 
ILE O    O  N N 152 
ILE CB   C  N S 153 
ILE CG1  C  N N 154 
ILE CG2  C  N N 155 
ILE CD1  C  N N 156 
ILE OXT  O  N N 157 
ILE H    H  N N 158 
ILE H2   H  N N 159 
ILE HA   H  N N 160 
ILE HB   H  N N 161 
ILE HG12 H  N N 162 
ILE HG13 H  N N 163 
ILE HG21 H  N N 164 
ILE HG22 H  N N 165 
ILE HG23 H  N N 166 
ILE HD11 H  N N 167 
ILE HD12 H  N N 168 
ILE HD13 H  N N 169 
ILE HXT  H  N N 170 
LEU N    N  N N 171 
LEU CA   C  N S 172 
LEU C    C  N N 173 
LEU O    O  N N 174 
LEU CB   C  N N 175 
LEU CG   C  N N 176 
LEU CD1  C  N N 177 
LEU CD2  C  N N 178 
LEU OXT  O  N N 179 
LEU H    H  N N 180 
LEU H2   H  N N 181 
LEU HA   H  N N 182 
LEU HB2  H  N N 183 
LEU HB3  H  N N 184 
LEU HG   H  N N 185 
LEU HD11 H  N N 186 
LEU HD12 H  N N 187 
LEU HD13 H  N N 188 
LEU HD21 H  N N 189 
LEU HD22 H  N N 190 
LEU HD23 H  N N 191 
LEU HXT  H  N N 192 
LYS N    N  N N 193 
LYS CA   C  N S 194 
LYS C    C  N N 195 
LYS O    O  N N 196 
LYS CB   C  N N 197 
LYS CG   C  N N 198 
LYS CD   C  N N 199 
LYS CE   C  N N 200 
LYS NZ   N  N N 201 
LYS OXT  O  N N 202 
LYS H    H  N N 203 
LYS H2   H  N N 204 
LYS HA   H  N N 205 
LYS HB2  H  N N 206 
LYS HB3  H  N N 207 
LYS HG2  H  N N 208 
LYS HG3  H  N N 209 
LYS HD2  H  N N 210 
LYS HD3  H  N N 211 
LYS HE2  H  N N 212 
LYS HE3  H  N N 213 
LYS HZ1  H  N N 214 
LYS HZ2  H  N N 215 
LYS HZ3  H  N N 216 
LYS HXT  H  N N 217 
MET N    N  N N 218 
MET CA   C  N S 219 
MET C    C  N N 220 
MET O    O  N N 221 
MET CB   C  N N 222 
MET CG   C  N N 223 
MET SD   S  N N 224 
MET CE   C  N N 225 
MET OXT  O  N N 226 
MET H    H  N N 227 
MET H2   H  N N 228 
MET HA   H  N N 229 
MET HB2  H  N N 230 
MET HB3  H  N N 231 
MET HG2  H  N N 232 
MET HG3  H  N N 233 
MET HE1  H  N N 234 
MET HE2  H  N N 235 
MET HE3  H  N N 236 
MET HXT  H  N N 237 
PRO N    N  N N 238 
PRO CA   C  N S 239 
PRO C    C  N N 240 
PRO O    O  N N 241 
PRO CB   C  N N 242 
PRO CG   C  N N 243 
PRO CD   C  N N 244 
PRO OXT  O  N N 245 
PRO H    H  N N 246 
PRO HA   H  N N 247 
PRO HB2  H  N N 248 
PRO HB3  H  N N 249 
PRO HG2  H  N N 250 
PRO HG3  H  N N 251 
PRO HD2  H  N N 252 
PRO HD3  H  N N 253 
PRO HXT  H  N N 254 
SER N    N  N N 255 
SER CA   C  N S 256 
SER C    C  N N 257 
SER O    O  N N 258 
SER CB   C  N N 259 
SER OG   O  N N 260 
SER OXT  O  N N 261 
SER H    H  N N 262 
SER H2   H  N N 263 
SER HA   H  N N 264 
SER HB2  H  N N 265 
SER HB3  H  N N 266 
SER HG   H  N N 267 
SER HXT  H  N N 268 
THR N    N  N N 269 
THR CA   C  N S 270 
THR C    C  N N 271 
THR O    O  N N 272 
THR CB   C  N R 273 
THR OG1  O  N N 274 
THR CG2  C  N N 275 
THR OXT  O  N N 276 
THR H    H  N N 277 
THR H2   H  N N 278 
THR HA   H  N N 279 
THR HB   H  N N 280 
THR HG1  H  N N 281 
THR HG21 H  N N 282 
THR HG22 H  N N 283 
THR HG23 H  N N 284 
THR HXT  H  N N 285 
TYR N    N  N N 286 
TYR CA   C  N S 287 
TYR C    C  N N 288 
TYR O    O  N N 289 
TYR CB   C  N N 290 
TYR CG   C  Y N 291 
TYR CD1  C  Y N 292 
TYR CD2  C  Y N 293 
TYR CE1  C  Y N 294 
TYR CE2  C  Y N 295 
TYR CZ   C  Y N 296 
TYR OH   O  N N 297 
TYR OXT  O  N N 298 
TYR H    H  N N 299 
TYR H2   H  N N 300 
TYR HA   H  N N 301 
TYR HB2  H  N N 302 
TYR HB3  H  N N 303 
TYR HD1  H  N N 304 
TYR HD2  H  N N 305 
TYR HE1  H  N N 306 
TYR HE2  H  N N 307 
TYR HH   H  N N 308 
TYR HXT  H  N N 309 
VAL N    N  N N 310 
VAL CA   C  N S 311 
VAL C    C  N N 312 
VAL O    O  N N 313 
VAL CB   C  N N 314 
VAL CG1  C  N N 315 
VAL CG2  C  N N 316 
VAL OXT  O  N N 317 
VAL H    H  N N 318 
VAL H2   H  N N 319 
VAL HA   H  N N 320 
VAL HB   H  N N 321 
VAL HG11 H  N N 322 
VAL HG12 H  N N 323 
VAL HG13 H  N N 324 
VAL HG21 H  N N 325 
VAL HG22 H  N N 326 
VAL HG23 H  N N 327 
VAL HXT  H  N N 328 
# 
loop_
_chem_comp_bond.comp_id 
_chem_comp_bond.atom_id_1 
_chem_comp_bond.atom_id_2 
_chem_comp_bond.value_order 
_chem_comp_bond.pdbx_aromatic_flag 
_chem_comp_bond.pdbx_stereo_config 
_chem_comp_bond.pdbx_ordinal 
ACY C   O    doub N N 1   
ACY C   OXT  sing N N 2   
ACY C   CH3  sing N N 3   
ACY OXT HXT  sing N N 4   
ACY CH3 H1   sing N N 5   
ACY CH3 H2   sing N N 6   
ACY CH3 H3   sing N N 7   
ALA N   CA   sing N N 8   
ALA N   H    sing N N 9   
ALA N   H2   sing N N 10  
ALA CA  C    sing N N 11  
ALA CA  CB   sing N N 12  
ALA CA  HA   sing N N 13  
ALA C   O    doub N N 14  
ALA C   OXT  sing N N 15  
ALA CB  HB1  sing N N 16  
ALA CB  HB2  sing N N 17  
ALA CB  HB3  sing N N 18  
ALA OXT HXT  sing N N 19  
ARG N   CA   sing N N 20  
ARG N   H    sing N N 21  
ARG N   H2   sing N N 22  
ARG CA  C    sing N N 23  
ARG CA  CB   sing N N 24  
ARG CA  HA   sing N N 25  
ARG C   O    doub N N 26  
ARG C   OXT  sing N N 27  
ARG CB  CG   sing N N 28  
ARG CB  HB2  sing N N 29  
ARG CB  HB3  sing N N 30  
ARG CG  CD   sing N N 31  
ARG CG  HG2  sing N N 32  
ARG CG  HG3  sing N N 33  
ARG CD  NE   sing N N 34  
ARG CD  HD2  sing N N 35  
ARG CD  HD3  sing N N 36  
ARG NE  CZ   sing N N 37  
ARG NE  HE   sing N N 38  
ARG CZ  NH1  sing N N 39  
ARG CZ  NH2  doub N N 40  
ARG NH1 HH11 sing N N 41  
ARG NH1 HH12 sing N N 42  
ARG NH2 HH21 sing N N 43  
ARG NH2 HH22 sing N N 44  
ARG OXT HXT  sing N N 45  
ASN N   CA   sing N N 46  
ASN N   H    sing N N 47  
ASN N   H2   sing N N 48  
ASN CA  C    sing N N 49  
ASN CA  CB   sing N N 50  
ASN CA  HA   sing N N 51  
ASN C   O    doub N N 52  
ASN C   OXT  sing N N 53  
ASN CB  CG   sing N N 54  
ASN CB  HB2  sing N N 55  
ASN CB  HB3  sing N N 56  
ASN CG  OD1  doub N N 57  
ASN CG  ND2  sing N N 58  
ASN ND2 HD21 sing N N 59  
ASN ND2 HD22 sing N N 60  
ASN OXT HXT  sing N N 61  
ASP N   CA   sing N N 62  
ASP N   H    sing N N 63  
ASP N   H2   sing N N 64  
ASP CA  C    sing N N 65  
ASP CA  CB   sing N N 66  
ASP CA  HA   sing N N 67  
ASP C   O    doub N N 68  
ASP C   OXT  sing N N 69  
ASP CB  CG   sing N N 70  
ASP CB  HB2  sing N N 71  
ASP CB  HB3  sing N N 72  
ASP CG  OD1  doub N N 73  
ASP CG  OD2  sing N N 74  
ASP OD2 HD2  sing N N 75  
ASP OXT HXT  sing N N 76  
CYS N   CA   sing N N 77  
CYS N   H    sing N N 78  
CYS N   H2   sing N N 79  
CYS CA  C    sing N N 80  
CYS CA  CB   sing N N 81  
CYS CA  HA   sing N N 82  
CYS C   O    doub N N 83  
CYS C   OXT  sing N N 84  
CYS CB  SG   sing N N 85  
CYS CB  HB2  sing N N 86  
CYS CB  HB3  sing N N 87  
CYS SG  HG   sing N N 88  
CYS OXT HXT  sing N N 89  
GLN N   CA   sing N N 90  
GLN N   H    sing N N 91  
GLN N   H2   sing N N 92  
GLN CA  C    sing N N 93  
GLN CA  CB   sing N N 94  
GLN CA  HA   sing N N 95  
GLN C   O    doub N N 96  
GLN C   OXT  sing N N 97  
GLN CB  CG   sing N N 98  
GLN CB  HB2  sing N N 99  
GLN CB  HB3  sing N N 100 
GLN CG  CD   sing N N 101 
GLN CG  HG2  sing N N 102 
GLN CG  HG3  sing N N 103 
GLN CD  OE1  doub N N 104 
GLN CD  NE2  sing N N 105 
GLN NE2 HE21 sing N N 106 
GLN NE2 HE22 sing N N 107 
GLN OXT HXT  sing N N 108 
GLU N   CA   sing N N 109 
GLU N   H    sing N N 110 
GLU N   H2   sing N N 111 
GLU CA  C    sing N N 112 
GLU CA  CB   sing N N 113 
GLU CA  HA   sing N N 114 
GLU C   O    doub N N 115 
GLU C   OXT  sing N N 116 
GLU CB  CG   sing N N 117 
GLU CB  HB2  sing N N 118 
GLU CB  HB3  sing N N 119 
GLU CG  CD   sing N N 120 
GLU CG  HG2  sing N N 121 
GLU CG  HG3  sing N N 122 
GLU CD  OE1  doub N N 123 
GLU CD  OE2  sing N N 124 
GLU OE2 HE2  sing N N 125 
GLU OXT HXT  sing N N 126 
GLY N   CA   sing N N 127 
GLY N   H    sing N N 128 
GLY N   H2   sing N N 129 
GLY CA  C    sing N N 130 
GLY CA  HA2  sing N N 131 
GLY CA  HA3  sing N N 132 
GLY C   O    doub N N 133 
GLY C   OXT  sing N N 134 
GLY OXT HXT  sing N N 135 
HOH O   H1   sing N N 136 
HOH O   H2   sing N N 137 
ILE N   CA   sing N N 138 
ILE N   H    sing N N 139 
ILE N   H2   sing N N 140 
ILE CA  C    sing N N 141 
ILE CA  CB   sing N N 142 
ILE CA  HA   sing N N 143 
ILE C   O    doub N N 144 
ILE C   OXT  sing N N 145 
ILE CB  CG1  sing N N 146 
ILE CB  CG2  sing N N 147 
ILE CB  HB   sing N N 148 
ILE CG1 CD1  sing N N 149 
ILE CG1 HG12 sing N N 150 
ILE CG1 HG13 sing N N 151 
ILE CG2 HG21 sing N N 152 
ILE CG2 HG22 sing N N 153 
ILE CG2 HG23 sing N N 154 
ILE CD1 HD11 sing N N 155 
ILE CD1 HD12 sing N N 156 
ILE CD1 HD13 sing N N 157 
ILE OXT HXT  sing N N 158 
LEU N   CA   sing N N 159 
LEU N   H    sing N N 160 
LEU N   H2   sing N N 161 
LEU CA  C    sing N N 162 
LEU CA  CB   sing N N 163 
LEU CA  HA   sing N N 164 
LEU C   O    doub N N 165 
LEU C   OXT  sing N N 166 
LEU CB  CG   sing N N 167 
LEU CB  HB2  sing N N 168 
LEU CB  HB3  sing N N 169 
LEU CG  CD1  sing N N 170 
LEU CG  CD2  sing N N 171 
LEU CG  HG   sing N N 172 
LEU CD1 HD11 sing N N 173 
LEU CD1 HD12 sing N N 174 
LEU CD1 HD13 sing N N 175 
LEU CD2 HD21 sing N N 176 
LEU CD2 HD22 sing N N 177 
LEU CD2 HD23 sing N N 178 
LEU OXT HXT  sing N N 179 
LYS N   CA   sing N N 180 
LYS N   H    sing N N 181 
LYS N   H2   sing N N 182 
LYS CA  C    sing N N 183 
LYS CA  CB   sing N N 184 
LYS CA  HA   sing N N 185 
LYS C   O    doub N N 186 
LYS C   OXT  sing N N 187 
LYS CB  CG   sing N N 188 
LYS CB  HB2  sing N N 189 
LYS CB  HB3  sing N N 190 
LYS CG  CD   sing N N 191 
LYS CG  HG2  sing N N 192 
LYS CG  HG3  sing N N 193 
LYS CD  CE   sing N N 194 
LYS CD  HD2  sing N N 195 
LYS CD  HD3  sing N N 196 
LYS CE  NZ   sing N N 197 
LYS CE  HE2  sing N N 198 
LYS CE  HE3  sing N N 199 
LYS NZ  HZ1  sing N N 200 
LYS NZ  HZ2  sing N N 201 
LYS NZ  HZ3  sing N N 202 
LYS OXT HXT  sing N N 203 
MET N   CA   sing N N 204 
MET N   H    sing N N 205 
MET N   H2   sing N N 206 
MET CA  C    sing N N 207 
MET CA  CB   sing N N 208 
MET CA  HA   sing N N 209 
MET C   O    doub N N 210 
MET C   OXT  sing N N 211 
MET CB  CG   sing N N 212 
MET CB  HB2  sing N N 213 
MET CB  HB3  sing N N 214 
MET CG  SD   sing N N 215 
MET CG  HG2  sing N N 216 
MET CG  HG3  sing N N 217 
MET SD  CE   sing N N 218 
MET CE  HE1  sing N N 219 
MET CE  HE2  sing N N 220 
MET CE  HE3  sing N N 221 
MET OXT HXT  sing N N 222 
PRO N   CA   sing N N 223 
PRO N   CD   sing N N 224 
PRO N   H    sing N N 225 
PRO CA  C    sing N N 226 
PRO CA  CB   sing N N 227 
PRO CA  HA   sing N N 228 
PRO C   O    doub N N 229 
PRO C   OXT  sing N N 230 
PRO CB  CG   sing N N 231 
PRO CB  HB2  sing N N 232 
PRO CB  HB3  sing N N 233 
PRO CG  CD   sing N N 234 
PRO CG  HG2  sing N N 235 
PRO CG  HG3  sing N N 236 
PRO CD  HD2  sing N N 237 
PRO CD  HD3  sing N N 238 
PRO OXT HXT  sing N N 239 
SER N   CA   sing N N 240 
SER N   H    sing N N 241 
SER N   H2   sing N N 242 
SER CA  C    sing N N 243 
SER CA  CB   sing N N 244 
SER CA  HA   sing N N 245 
SER C   O    doub N N 246 
SER C   OXT  sing N N 247 
SER CB  OG   sing N N 248 
SER CB  HB2  sing N N 249 
SER CB  HB3  sing N N 250 
SER OG  HG   sing N N 251 
SER OXT HXT  sing N N 252 
THR N   CA   sing N N 253 
THR N   H    sing N N 254 
THR N   H2   sing N N 255 
THR CA  C    sing N N 256 
THR CA  CB   sing N N 257 
THR CA  HA   sing N N 258 
THR C   O    doub N N 259 
THR C   OXT  sing N N 260 
THR CB  OG1  sing N N 261 
THR CB  CG2  sing N N 262 
THR CB  HB   sing N N 263 
THR OG1 HG1  sing N N 264 
THR CG2 HG21 sing N N 265 
THR CG2 HG22 sing N N 266 
THR CG2 HG23 sing N N 267 
THR OXT HXT  sing N N 268 
TYR N   CA   sing N N 269 
TYR N   H    sing N N 270 
TYR N   H2   sing N N 271 
TYR CA  C    sing N N 272 
TYR CA  CB   sing N N 273 
TYR CA  HA   sing N N 274 
TYR C   O    doub N N 275 
TYR C   OXT  sing N N 276 
TYR CB  CG   sing N N 277 
TYR CB  HB2  sing N N 278 
TYR CB  HB3  sing N N 279 
TYR CG  CD1  doub Y N 280 
TYR CG  CD2  sing Y N 281 
TYR CD1 CE1  sing Y N 282 
TYR CD1 HD1  sing N N 283 
TYR CD2 CE2  doub Y N 284 
TYR CD2 HD2  sing N N 285 
TYR CE1 CZ   doub Y N 286 
TYR CE1 HE1  sing N N 287 
TYR CE2 CZ   sing Y N 288 
TYR CE2 HE2  sing N N 289 
TYR CZ  OH   sing N N 290 
TYR OH  HH   sing N N 291 
TYR OXT HXT  sing N N 292 
VAL N   CA   sing N N 293 
VAL N   H    sing N N 294 
VAL N   H2   sing N N 295 
VAL CA  C    sing N N 296 
VAL CA  CB   sing N N 297 
VAL CA  HA   sing N N 298 
VAL C   O    doub N N 299 
VAL C   OXT  sing N N 300 
VAL CB  CG1  sing N N 301 
VAL CB  CG2  sing N N 302 
VAL CB  HB   sing N N 303 
VAL CG1 HG11 sing N N 304 
VAL CG1 HG12 sing N N 305 
VAL CG1 HG13 sing N N 306 
VAL CG2 HG21 sing N N 307 
VAL CG2 HG22 sing N N 308 
VAL CG2 HG23 sing N N 309 
VAL OXT HXT  sing N N 310 
# 
_pdbx_initial_refinement_model.accession_code   ? 
_pdbx_initial_refinement_model.id               1 
_pdbx_initial_refinement_model.entity_id_list   ? 
_pdbx_initial_refinement_model.type             other 
_pdbx_initial_refinement_model.source_name      ? 
_pdbx_initial_refinement_model.details          'SIRAS model built by ARP/WARP (68 residues)' 
# 
_atom_sites.entry_id                    1LJO 
_atom_sites.fract_transf_matrix[1][1]   -0.01591027 
_atom_sites.fract_transf_matrix[1][2]   -0.00215687 
_atom_sites.fract_transf_matrix[1][3]   -0.01152721 
_atom_sites.fract_transf_matrix[2][1]   0.00041719 
_atom_sites.fract_transf_matrix[2][2]   -0.01269114 
_atom_sites.fract_transf_matrix[2][3]   -0.01514779 
_atom_sites.fract_transf_matrix[3][1]   -0.01046703 
_atom_sites.fract_transf_matrix[3][2]   -0.02264488 
_atom_sites.fract_transf_matrix[3][3]   0.01868409 
_atom_sites.fract_transf_vector[1]      0.131555 
_atom_sites.fract_transf_vector[2]      0.359324 
_atom_sites.fract_transf_vector[3]      0.824806 
# 
loop_
_atom_type.symbol 
C  
CD 
N  
O  
S  
# 
loop_
_atom_site.group_PDB 
_atom_site.id 
_atom_site.type_symbol 
_atom_site.label_atom_id 
_atom_site.label_alt_id 
_atom_site.label_comp_id 
_atom_site.label_asym_id 
_atom_site.label_entity_id 
_atom_site.label_seq_id 
_atom_site.pdbx_PDB_ins_code 
_atom_site.Cartn_x 
_atom_site.Cartn_y 
_atom_site.Cartn_z 
_atom_site.occupancy 
_atom_site.B_iso_or_equiv 
_atom_site.pdbx_formal_charge 
_atom_site.auth_seq_id 
_atom_site.auth_comp_id 
_atom_site.auth_asym_id 
_atom_site.auth_atom_id 
_atom_site.pdbx_PDB_model_num 
ATOM   1   N  N   . GLY A 1 1  ? -28.651 -5.041  3.408   1.00 43.67 ? 1   GLY A N   1 
ATOM   2   C  CA  . GLY A 1 1  ? -28.150 -6.091  2.477   1.00 42.53 ? 1   GLY A CA  1 
ATOM   3   C  C   . GLY A 1 1  ? -26.810 -6.659  2.904   1.00 41.28 ? 1   GLY A C   1 
ATOM   4   O  O   . GLY A 1 1  ? -26.721 -7.370  3.906   1.00 41.86 ? 1   GLY A O   1 
ATOM   5   N  N   . ALA A 1 2  ? -25.766 -6.346  2.144   1.00 38.71 ? 2   ALA A N   1 
ATOM   6   C  CA  . ALA A 1 2  ? -24.422 -6.825  2.441   1.00 35.37 ? 2   ALA A CA  1 
ATOM   7   C  C   . ALA A 1 2  ? -23.378 -5.783  2.064   1.00 34.90 ? 2   ALA A C   1 
ATOM   8   O  O   . ALA A 1 2  ? -23.659 -4.853  1.302   1.00 34.91 ? 2   ALA A O   1 
ATOM   9   C  CB  . ALA A 1 2  ? -24.151 -8.122  1.691   1.00 33.87 ? 2   ALA A CB  1 
ATOM   10  N  N   . MET A 1 3  ? -22.174 -5.936  2.602   1.00 31.49 ? 3   MET A N   1 
ATOM   11  C  CA  . MET A 1 3  ? -21.095 -5.009  2.302   1.00 30.05 ? 3   MET A CA  1 
ATOM   12  C  C   . MET A 1 3  ? -19.749 -5.664  2.564   1.00 28.55 ? 3   MET A C   1 
ATOM   13  O  O   . MET A 1 3  ? -19.659 -6.638  3.309   1.00 28.05 ? 3   MET A O   1 
ATOM   14  C  CB  . MET A 1 3  ? -21.227 -3.732  3.139   1.00 30.48 ? 3   MET A CB  1 
ATOM   15  C  CG  . MET A 1 3  ? -20.929 -3.889  4.623   1.00 29.18 ? 3   MET A CG  1 
ATOM   16  S  SD  . MET A 1 3  ? -20.886 -2.282  5.461   1.00 29.49 ? 3   MET A SD  1 
ATOM   17  C  CE  . MET A 1 3  ? -21.394 -2.723  7.126   1.00 31.84 ? 3   MET A CE  1 
ATOM   18  N  N   . VAL A 1 4  ? -18.709 -5.129  1.936   1.00 25.64 ? 4   VAL A N   1 
ATOM   19  C  CA  . VAL A 1 4  ? -17.359 -5.655  2.101   1.00 23.81 ? 4   VAL A CA  1 
ATOM   20  C  C   . VAL A 1 4  ? -16.570 -4.741  3.031   1.00 21.83 ? 4   VAL A C   1 
ATOM   21  O  O   . VAL A 1 4  ? -16.389 -3.557  2.742   1.00 23.25 ? 4   VAL A O   1 
ATOM   22  C  CB  . VAL A 1 4  ? -16.630 -5.745  0.742   1.00 21.95 ? 4   VAL A CB  1 
ATOM   23  C  CG1 . VAL A 1 4  ? -15.246 -6.353  0.925   1.00 23.10 ? 4   VAL A CG1 1 
ATOM   24  C  CG2 . VAL A 1 4  ? -17.451 -6.581  -0.224  1.00 22.74 ? 4   VAL A CG2 1 
ATOM   25  N  N   . LEU A 1 5  ? -16.110 -5.289  4.150   1.00 18.90 ? 5   LEU A N   1 
ATOM   26  C  CA  . LEU A 1 5  ? -15.345 -4.508  5.115   1.00 20.29 ? 5   LEU A CA  1 
ATOM   27  C  C   . LEU A 1 5  ? -14.001 -4.066  4.544   1.00 16.15 ? 5   LEU A C   1 
ATOM   28  O  O   . LEU A 1 5  ? -13.344 -4.812  3.822   1.00 17.31 ? 5   LEU A O   1 
ATOM   29  C  CB  . LEU A 1 5  ? -15.116 -5.315  6.393   1.00 19.85 ? 5   LEU A CB  1 
ATOM   30  C  CG  . LEU A 1 5  ? -16.370 -5.606  7.226   1.00 24.33 ? 5   LEU A CG  1 
ATOM   31  C  CD1 . LEU A 1 5  ? -16.035 -6.583  8.345   1.00 23.59 ? 5   LEU A CD1 1 
ATOM   32  C  CD2 . LEU A 1 5  ? -16.924 -4.302  7.792   1.00 24.78 ? 5   LEU A CD2 1 
ATOM   33  N  N   . PRO A 1 6  ? -13.589 -2.826  4.842   1.00 15.96 ? 6   PRO A N   1 
ATOM   34  C  CA  . PRO A 1 6  ? -12.309 -2.325  4.342   1.00 14.51 ? 6   PRO A CA  1 
ATOM   35  C  C   . PRO A 1 6  ? -11.150 -3.275  4.666   1.00 14.71 ? 6   PRO A C   1 
ATOM   36  O  O   . PRO A 1 6  ? -10.347 -3.593  3.796   1.00 13.33 ? 6   PRO A O   1 
ATOM   37  C  CB  . PRO A 1 6  ? -12.186 -0.973  5.031   1.00 14.95 ? 6   PRO A CB  1 
ATOM   38  C  CG  . PRO A 1 6  ? -13.614 -0.499  5.038   1.00 12.33 ? 6   PRO A CG  1 
ATOM   39  C  CD  . PRO A 1 6  ? -14.351 -1.748  5.502   1.00 15.51 ? 6   PRO A CD  1 
ATOM   40  N  N   . ASN A 1 7  ? -11.066 -3.732  5.914   1.00 19.33 ? 7   ASN A N   1 
ATOM   41  C  CA  . ASN A 1 7  ? -9.998  -4.654  6.302   1.00 23.08 ? 7   ASN A CA  1 
ATOM   42  C  C   . ASN A 1 7  ? -10.058 -5.933  5.469   1.00 23.25 ? 7   ASN A C   1 
ATOM   43  O  O   . ASN A 1 7  ? -9.022  -6.519  5.153   1.00 22.91 ? 7   ASN A O   1 
ATOM   44  C  CB  . ASN A 1 7  ? -10.090 -5.011  7.791   1.00 23.44 ? 7   ASN A CB  1 
ATOM   45  C  CG  . ASN A 1 7  ? -9.552  -3.914  8.693   1.00 25.02 ? 7   ASN A CG  1 
ATOM   46  O  OD1 . ASN A 1 7  ? -9.671  -3.990  9.916   1.00 28.45 ? 7   ASN A OD1 1 
ATOM   47  N  ND2 . ASN A 1 7  ? -8.950  -2.894  8.096   1.00 22.14 ? 7   ASN A ND2 1 
ATOM   48  N  N   . GLN A 1 8  ? -11.267 -6.370  5.123   1.00 23.39 ? 8   GLN A N   1 
ATOM   49  C  CA  . GLN A 1 8  ? -11.430 -7.576  4.310   1.00 23.53 ? 8   GLN A CA  1 
ATOM   50  C  C   . GLN A 1 8  ? -10.853 -7.308  2.924   1.00 21.36 ? 8   GLN A C   1 
ATOM   51  O  O   . GLN A 1 8  ? -10.158 -8.145  2.348   1.00 19.26 ? 8   GLN A O   1 
ATOM   52  C  CB  . GLN A 1 8  ? -12.914 -7.953  4.155   1.00 28.13 ? 8   GLN A CB  1 
ATOM   53  C  CG  . GLN A 1 8  ? -13.626 -8.391  5.429   1.00 30.41 ? 8   GLN A CG  1 
ATOM   54  C  CD  . GLN A 1 8  ? -15.038 -8.912  5.160   1.00 32.59 ? 8   GLN A CD  1 
ATOM   55  O  OE1 . GLN A 1 8  ? -15.889 -8.204  4.617   1.00 30.42 ? 8   GLN A OE1 1 
ATOM   56  N  NE2 . GLN A 1 8  ? -15.289 -10.157 5.549   1.00 34.48 ? 8   GLN A NE2 1 
ATOM   57  N  N   . MET A 1 9  ? -11.158 -6.131  2.389   1.00 17.49 ? 9   MET A N   1 
ATOM   58  C  CA  . MET A 1 9  ? -10.676 -5.754  1.069   1.00 15.33 ? 9   MET A CA  1 
ATOM   59  C  C   . MET A 1 9  ? -9.148  -5.683  1.046   1.00 14.63 ? 9   MET A C   1 
ATOM   60  O  O   . MET A 1 9  ? -8.511  -6.252  0.162   1.00 15.62 ? 9   MET A O   1 
ATOM   61  C  CB  . MET A 1 9  ? -11.278 -4.404  0.653   1.00 15.69 ? 9   MET A CB  1 
ATOM   62  C  CG  . MET A 1 9  ? -10.908 -3.959  -0.756  1.00 21.37 ? 9   MET A CG  1 
ATOM   63  S  SD  . MET A 1 9  ? -11.324 -5.199  -2.014  1.00 27.63 ? 9   MET A SD  1 
ATOM   64  C  CE  . MET A 1 9  ? -10.350 -4.619  -3.389  1.00 23.80 ? 9   MET A CE  1 
ATOM   65  N  N   . VAL A 1 10 ? -8.561  -5.004  2.027   1.00 13.76 ? 10  VAL A N   1 
ATOM   66  C  CA  . VAL A 1 10 ? -7.107  -4.875  2.074   1.00 15.31 ? 10  VAL A CA  1 
ATOM   67  C  C   . VAL A 1 10 ? -6.413  -6.227  2.190   1.00 16.49 ? 10  VAL A C   1 
ATOM   68  O  O   . VAL A 1 10 ? -5.387  -6.457  1.550   1.00 13.31 ? 10  VAL A O   1 
ATOM   69  C  CB  . VAL A 1 10 ? -6.650  -3.968  3.247   1.00 14.85 ? 10  VAL A CB  1 
ATOM   70  C  CG1 . VAL A 1 10 ? -5.125  -3.891  3.288   1.00 16.89 ? 10  VAL A CG1 1 
ATOM   71  C  CG2 . VAL A 1 10 ? -7.240  -2.572  3.089   1.00 13.51 ? 10  VAL A CG2 1 
ATOM   72  N  N   . LYS A 1 11 ? -6.971  -7.127  2.996   1.00 14.56 ? 11  LYS A N   1 
ATOM   73  C  CA  . LYS A 1 11 ? -6.359  -8.437  3.151   1.00 18.34 ? 11  LYS A CA  1 
ATOM   74  C  C   . LYS A 1 11 ? -6.399  -9.211  1.836   1.00 16.58 ? 11  LYS A C   1 
ATOM   75  O  O   . LYS A 1 11 ? -5.489  -9.977  1.539   1.00 18.09 ? 11  LYS A O   1 
ATOM   76  C  CB  . LYS A 1 11 ? -7.054  -9.238  4.262   1.00 18.98 ? 11  LYS A CB  1 
ATOM   77  C  CG  . LYS A 1 11 ? -6.330  -10.535 4.617   1.00 26.61 ? 11  LYS A CG  1 
ATOM   78  C  CD  . LYS A 1 11 ? -6.884  -11.186 5.883   1.00 27.09 ? 11  LYS A CD  1 
ATOM   79  C  CE  . LYS A 1 11 ? -8.318  -11.664 5.702   1.00 31.24 ? 11  LYS A CE  1 
ATOM   80  N  NZ  . LYS A 1 11 ? -8.432  -12.712 4.648   1.00 34.46 ? 11  LYS A NZ  1 
ATOM   81  N  N   . SER A 1 12 ? -7.442  -8.997  1.041   1.00 16.69 ? 12  SER A N   1 
ATOM   82  C  CA  . SER A 1 12 ? -7.561  -9.681  -0.241  1.00 16.02 ? 12  SER A CA  1 
ATOM   83  C  C   . SER A 1 12 ? -6.481  -9.214  -1.220  1.00 17.10 ? 12  SER A C   1 
ATOM   84  O  O   . SER A 1 12 ? -6.230  -9.869  -2.225  1.00 14.71 ? 12  SER A O   1 
ATOM   85  C  CB  . SER A 1 12 ? -8.945  -9.441  -0.856  1.00 19.31 ? 12  SER A CB  1 
ATOM   86  O  OG  . SER A 1 12 ? -9.071  -8.124  -1.363  1.00 21.19 ? 12  SER A OG  1 
ATOM   87  N  N   . MET A 1 13 ? -5.847  -8.084  -0.917  1.00 16.32 ? 13  MET A N   1 
ATOM   88  C  CA  . MET A 1 13 ? -4.791  -7.542  -1.776  1.00 18.39 ? 13  MET A CA  1 
ATOM   89  C  C   . MET A 1 13 ? -3.418  -8.143  -1.472  1.00 16.18 ? 13  MET A C   1 
ATOM   90  O  O   . MET A 1 13 ? -2.445  -7.862  -2.174  1.00 15.91 ? 13  MET A O   1 
ATOM   91  C  CB  . MET A 1 13 ? -4.707  -6.020  -1.622  1.00 18.87 ? 13  MET A CB  1 
ATOM   92  C  CG  . MET A 1 13 ? -5.863  -5.239  -2.225  1.00 21.81 ? 13  MET A CG  1 
ATOM   93  S  SD  . MET A 1 13 ? -5.680  -3.452  -1.928  1.00 26.67 ? 13  MET A SD  1 
ATOM   94  C  CE  . MET A 1 13 ? -7.040  -3.158  -0.823  1.00 28.82 ? 13  MET A CE  1 
ATOM   95  N  N   . VAL A 1 14 ? -3.335  -8.960  -0.426  1.00 17.68 ? 14  VAL A N   1 
ATOM   96  C  CA  . VAL A 1 14 ? -2.063  -9.573  -0.060  1.00 16.93 ? 14  VAL A CA  1 
ATOM   97  C  C   . VAL A 1 14 ? -1.550  -10.454 -1.192  1.00 17.33 ? 14  VAL A C   1 
ATOM   98  O  O   . VAL A 1 14 ? -2.306  -11.215 -1.796  1.00 15.19 ? 14  VAL A O   1 
ATOM   99  C  CB  . VAL A 1 14 ? -2.191  -10.422 1.219   1.00 17.94 ? 14  VAL A CB  1 
ATOM   100 C  CG1 . VAL A 1 14 ? -0.937  -11.261 1.415   1.00 18.77 ? 14  VAL A CG1 1 
ATOM   101 C  CG2 . VAL A 1 14 ? -2.405  -9.513  2.421   1.00 18.66 ? 14  VAL A CG2 1 
ATOM   102 N  N   . GLY A 1 15 ? -0.259  -10.350 -1.476  1.00 15.79 ? 15  GLY A N   1 
ATOM   103 C  CA  . GLY A 1 15 ? 0.316   -11.139 -2.549  1.00 16.38 ? 15  GLY A CA  1 
ATOM   104 C  C   . GLY A 1 15 ? 0.221   -10.428 -3.889  1.00 16.56 ? 15  GLY A C   1 
ATOM   105 O  O   . GLY A 1 15 ? 0.778   -10.881 -4.880  1.00 17.25 ? 15  GLY A O   1 
ATOM   106 N  N   . LYS A 1 16 ? -0.479  -9.302  -3.918  1.00 16.77 ? 16  LYS A N   1 
ATOM   107 C  CA  . LYS A 1 16 ? -0.637  -8.547  -5.156  1.00 16.86 ? 16  LYS A CA  1 
ATOM   108 C  C   . LYS A 1 16 ? -0.007  -7.164  -5.066  1.00 12.79 ? 16  LYS A C   1 
ATOM   109 O  O   . LYS A 1 16 ? 0.352   -6.711  -3.985  1.00 12.68 ? 16  LYS A O   1 
ATOM   110 C  CB  . LYS A 1 16 ? -2.123  -8.429  -5.507  1.00 21.71 ? 16  LYS A CB  1 
ATOM   111 C  CG  . LYS A 1 16 ? -2.816  -9.786  -5.578  1.00 26.90 ? 16  LYS A CG  1 
ATOM   112 C  CD  . LYS A 1 16 ? -4.213  -9.704  -6.170  1.00 32.02 ? 16  LYS A CD  1 
ATOM   113 C  CE  . LYS A 1 16 ? -4.812  -11.096 -6.303  1.00 35.30 ? 16  LYS A CE  1 
ATOM   114 N  NZ  . LYS A 1 16 ? -6.133  -11.085 -6.985  1.00 38.44 ? 16  LYS A NZ  1 
ATOM   115 N  N   . ILE A 1 17 ? 0.121   -6.508  -6.217  1.00 12.25 ? 17  ILE A N   1 
ATOM   116 C  CA  . ILE A 1 17 ? 0.707   -5.174  -6.312  1.00 12.39 ? 17  ILE A CA  1 
ATOM   117 C  C   . ILE A 1 17 ? -0.318  -4.094  -5.990  1.00 11.21 ? 17  ILE A C   1 
ATOM   118 O  O   . ILE A 1 17 ? -1.418  -4.087  -6.542  1.00 11.91 ? 17  ILE A O   1 
ATOM   119 C  CB  . ILE A 1 17 ? 1.231   -4.887  -7.738  1.00 14.96 ? 17  ILE A CB  1 
ATOM   120 C  CG1 . ILE A 1 17 ? 2.176   -6.002  -8.191  1.00 17.81 ? 17  ILE A CG1 1 
ATOM   121 C  CG2 . ILE A 1 17 ? 1.923   -3.526  -7.775  1.00 14.38 ? 17  ILE A CG2 1 
ATOM   122 C  CD1 . ILE A 1 17 ? 3.367   -6.208  -7.287  1.00 19.62 ? 17  ILE A CD1 1 
ATOM   123 N  N   . ILE A 1 18 ? 0.052   -3.173  -5.105  1.00 9.41  ? 18  ILE A N   1 
ATOM   124 C  CA  . ILE A 1 18 ? -0.845  -2.091  -4.727  1.00 11.75 ? 18  ILE A CA  1 
ATOM   125 C  C   . ILE A 1 18 ? -0.125  -0.752  -4.803  1.00 13.26 ? 18  ILE A C   1 
ATOM   126 O  O   . ILE A 1 18 ? 1.106   -0.702  -4.818  1.00 12.21 ? 18  ILE A O   1 
ATOM   127 C  CB  . ILE A 1 18 ? -1.382  -2.278  -3.285  1.00 11.15 ? 18  ILE A CB  1 
ATOM   128 C  CG1 . ILE A 1 18 ? -0.234  -2.183  -2.274  1.00 12.77 ? 18  ILE A CG1 1 
ATOM   129 C  CG2 . ILE A 1 18 ? -2.058  -3.642  -3.157  1.00 13.70 ? 18  ILE A CG2 1 
ATOM   130 C  CD1 . ILE A 1 18 ? -0.697  -2.130  -0.814  1.00 9.49  ? 18  ILE A CD1 1 
ATOM   131 N  N   . ARG A 1 19 ? -0.907  0.326   -4.865  1.00 10.70 ? 19  ARG A N   1 
ATOM   132 C  CA  . ARG A 1 19 ? -0.377  1.680   -4.911  1.00 12.91 ? 19  ARG A CA  1 
ATOM   133 C  C   . ARG A 1 19 ? -0.907  2.352   -3.654  1.00 11.65 ? 19  ARG A C   1 
ATOM   134 O  O   . ARG A 1 19 ? -2.101  2.271   -3.365  1.00 11.52 ? 19  ARG A O   1 
ATOM   135 C  CB  . ARG A 1 19 ? -0.879  2.417   -6.164  1.00 14.90 ? 19  ARG A CB  1 
ATOM   136 C  CG  . ARG A 1 19 ? -0.457  3.883   -6.250  1.00 22.71 ? 19  ARG A CG  1 
ATOM   137 C  CD  . ARG A 1 19 ? -0.947  4.529   -7.549  1.00 26.27 ? 19  ARG A CD  1 
ATOM   138 N  NE  . ARG A 1 19 ? -0.313  3.938   -8.723  1.00 30.98 ? 19  ARG A NE  1 
ATOM   139 C  CZ  . ARG A 1 19 ? 0.878   4.296   -9.198  1.00 33.47 ? 19  ARG A CZ  1 
ATOM   140 N  NH1 . ARG A 1 19 ? 1.572   5.257   -8.605  1.00 35.05 ? 19  ARG A NH1 1 
ATOM   141 N  NH2 . ARG A 1 19 ? 1.379   3.684   -10.262 1.00 32.94 ? 19  ARG A NH2 1 
ATOM   142 N  N   . VAL A 1 20 ? -0.021  3.011   -2.914  1.00 12.81 ? 20  VAL A N   1 
ATOM   143 C  CA  . VAL A 1 20 ? -0.394  3.664   -1.660  1.00 12.18 ? 20  VAL A CA  1 
ATOM   144 C  C   . VAL A 1 20 ? -0.017  5.135   -1.574  1.00 14.25 ? 20  VAL A C   1 
ATOM   145 O  O   . VAL A 1 20 ? 1.105   5.511   -1.898  1.00 13.93 ? 20  VAL A O   1 
ATOM   146 C  CB  . VAL A 1 20 ? 0.283   2.974   -0.455  1.00 12.11 ? 20  VAL A CB  1 
ATOM   147 C  CG1 . VAL A 1 20 ? -0.204  3.603   0.852   1.00 11.83 ? 20  VAL A CG1 1 
ATOM   148 C  CG2 . VAL A 1 20 ? 0.003   1.486   -0.486  1.00 11.98 ? 20  VAL A CG2 1 
ATOM   149 N  N   . GLU A 1 21 ? -0.959  5.960   -1.129  1.00 10.98 ? 21  GLU A N   1 
ATOM   150 C  CA  . GLU A 1 21 ? -0.679  7.378   -0.952  1.00 18.04 ? 21  GLU A CA  1 
ATOM   151 C  C   . GLU A 1 21 ? -0.569  7.604   0.553   1.00 16.71 ? 21  GLU A C   1 
ATOM   152 O  O   . GLU A 1 21 ? -1.487  7.268   1.302   1.00 13.57 ? 21  GLU A O   1 
ATOM   153 C  CB  . GLU A 1 21 ? -1.802  8.238   -1.533  1.00 21.82 ? 21  GLU A CB  1 
ATOM   154 C  CG  . GLU A 1 21 ? -1.657  9.712   -1.194  1.00 29.30 ? 21  GLU A CG  1 
ATOM   155 C  CD  . GLU A 1 21 ? -2.647  10.581  -1.938  1.00 33.96 ? 21  GLU A CD  1 
ATOM   156 O  OE1 . GLU A 1 21 ? -3.855  10.263  -1.913  1.00 36.33 ? 21  GLU A OE1 1 
ATOM   157 O  OE2 . GLU A 1 21 ? -2.214  11.586  -2.542  1.00 38.97 ? 21  GLU A OE2 1 
ATOM   158 N  N   . MET A 1 22 ? 0.563   8.154   0.987   1.00 15.57 ? 22  MET A N   1 
ATOM   159 C  CA  . MET A 1 22 ? 0.804   8.413   2.404   1.00 16.49 ? 22  MET A CA  1 
ATOM   160 C  C   . MET A 1 22 ? 0.654   9.891   2.714   1.00 18.10 ? 22  MET A C   1 
ATOM   161 O  O   . MET A 1 22 ? 0.975   10.747  1.886   1.00 19.18 ? 22  MET A O   1 
ATOM   162 C  CB  . MET A 1 22 ? 2.217   7.971   2.805   1.00 15.35 ? 22  MET A CB  1 
ATOM   163 C  CG  . MET A 1 22 ? 2.522   6.501   2.601   1.00 14.61 ? 22  MET A CG  1 
ATOM   164 S  SD  . MET A 1 22 ? 1.498   5.416   3.620   1.00 14.83 ? 22  MET A SD  1 
ATOM   165 C  CE  . MET A 1 22 ? 2.193   5.711   5.251   1.00 12.83 ? 22  MET A CE  1 
ATOM   166 N  N   . LYS A 1 23 ? 0.190   10.187  3.920   1.00 17.43 ? 23  LYS A N   1 
ATOM   167 C  CA  . LYS A 1 23 ? -0.005  11.564  4.346   1.00 24.78 ? 23  LYS A CA  1 
ATOM   168 C  C   . LYS A 1 23 ? 1.312   12.341  4.377   1.00 30.60 ? 23  LYS A C   1 
ATOM   169 O  O   . LYS A 1 23 ? 1.376   13.486  3.923   1.00 36.89 ? 23  LYS A O   1 
ATOM   170 C  CB  . LYS A 1 23 ? -0.674  11.584  5.723   1.00 25.61 ? 23  LYS A CB  1 
ATOM   171 C  CG  . LYS A 1 23 ? -1.047  12.961  6.224   1.00 29.18 ? 23  LYS A CG  1 
ATOM   172 C  CD  . LYS A 1 23 ? -2.057  12.871  7.360   1.00 30.69 ? 23  LYS A CD  1 
ATOM   173 C  CE  . LYS A 1 23 ? -1.538  12.024  8.513   1.00 31.48 ? 23  LYS A CE  1 
ATOM   174 N  NZ  . LYS A 1 23 ? -2.569  11.822  9.567   1.00 29.40 ? 23  LYS A NZ  1 
ATOM   175 N  N   . GLY A 1 24 ? 2.364   11.719  4.901   1.00 34.18 ? 24  GLY A N   1 
ATOM   176 C  CA  . GLY A 1 24 ? 3.656   12.383  4.969   1.00 42.56 ? 24  GLY A CA  1 
ATOM   177 C  C   . GLY A 1 24 ? 4.579   12.047  3.808   1.00 47.45 ? 24  GLY A C   1 
ATOM   178 O  O   . GLY A 1 24 ? 5.798   11.954  3.980   1.00 47.89 ? 24  GLY A O   1 
ATOM   179 N  N   . GLU A 1 25 ? 3.997   11.870  2.625   1.00 48.95 ? 25  GLU A N   1 
ATOM   180 C  CA  . GLU A 1 25 ? 4.759   11.540  1.421   1.00 49.42 ? 25  GLU A CA  1 
ATOM   181 C  C   . GLU A 1 25 ? 4.121   12.185  0.191   1.00 48.97 ? 25  GLU A C   1 
ATOM   182 O  O   . GLU A 1 25 ? 2.909   12.105  -0.001  1.00 49.84 ? 25  GLU A O   1 
ATOM   183 C  CB  . GLU A 1 25 ? 4.816   10.021  1.244   1.00 51.57 ? 25  GLU A CB  1 
ATOM   184 C  CG  . GLU A 1 25 ? 6.206   9.419   1.399   1.00 54.39 ? 25  GLU A CG  1 
ATOM   185 C  CD  . GLU A 1 25 ? 7.014   9.471   0.116   1.00 55.59 ? 25  GLU A CD  1 
ATOM   186 O  OE1 . GLU A 1 25 ? 6.624   8.789   -0.856  1.00 56.74 ? 25  GLU A OE1 1 
ATOM   187 O  OE2 . GLU A 1 25 ? 8.033   10.193  0.074   1.00 56.01 ? 25  GLU A OE2 1 
ATOM   188 N  N   . GLU A 1 26 ? 4.937   12.822  -0.643  1.00 47.72 ? 26  GLU A N   1 
ATOM   189 C  CA  . GLU A 1 26 ? 4.432   13.480  -1.845  1.00 45.76 ? 26  GLU A CA  1 
ATOM   190 C  C   . GLU A 1 26 ? 4.329   12.540  -3.049  1.00 42.11 ? 26  GLU A C   1 
ATOM   191 O  O   . GLU A 1 26 ? 3.545   12.778  -3.969  1.00 41.70 ? 26  GLU A O   1 
ATOM   192 C  CB  . GLU A 1 26 ? 5.313   14.689  -2.180  1.00 50.25 ? 26  GLU A CB  1 
ATOM   193 C  CG  . GLU A 1 26 ? 6.806   14.406  -2.150  1.00 54.51 ? 26  GLU A CG  1 
ATOM   194 C  CD  . GLU A 1 26 ? 7.638   15.676  -2.079  1.00 57.55 ? 26  GLU A CD  1 
ATOM   195 O  OE1 . GLU A 1 26 ? 7.466   16.445  -1.109  1.00 58.81 ? 26  GLU A OE1 1 
ATOM   196 O  OE2 . GLU A 1 26 ? 8.466   15.906  -2.987  1.00 59.03 ? 26  GLU A OE2 1 
ATOM   197 N  N   . ASN A 1 27 ? 5.119   11.473  -3.038  1.00 37.10 ? 27  ASN A N   1 
ATOM   198 C  CA  . ASN A 1 27 ? 5.096   10.494  -4.121  1.00 32.16 ? 27  ASN A CA  1 
ATOM   199 C  C   . ASN A 1 27 ? 4.408   9.237   -3.605  1.00 29.56 ? 27  ASN A C   1 
ATOM   200 O  O   . ASN A 1 27 ? 4.439   8.968   -2.407  1.00 28.35 ? 27  ASN A O   1 
ATOM   201 C  CB  . ASN A 1 27 ? 6.520   10.153  -4.555  1.00 31.78 ? 27  ASN A CB  1 
ATOM   202 C  CG  . ASN A 1 27 ? 7.310   11.376  -4.958  1.00 33.56 ? 27  ASN A CG  1 
ATOM   203 O  OD1 . ASN A 1 27 ? 6.841   12.192  -5.746  1.00 36.50 ? 27  ASN A OD1 1 
ATOM   204 N  ND2 . ASN A 1 27 ? 8.514   11.508  -4.422  1.00 32.62 ? 27  ASN A ND2 1 
ATOM   205 N  N   . GLN A 1 28 ? 3.794   8.469   -4.500  1.00 25.00 ? 28  GLN A N   1 
ATOM   206 C  CA  . GLN A 1 28 ? 3.113   7.248   -4.088  1.00 24.08 ? 28  GLN A CA  1 
ATOM   207 C  C   . GLN A 1 28 ? 4.078   6.076   -3.980  1.00 22.39 ? 28  GLN A C   1 
ATOM   208 O  O   . GLN A 1 28 ? 5.161   6.094   -4.567  1.00 18.75 ? 28  GLN A O   1 
ATOM   209 C  CB  . GLN A 1 28 ? 2.006   6.874   -5.080  1.00 26.69 ? 28  GLN A CB  1 
ATOM   210 C  CG  . GLN A 1 28 ? 0.968   7.957   -5.335  1.00 29.60 ? 28  GLN A CG  1 
ATOM   211 C  CD  . GLN A 1 28 ? 1.301   8.801   -6.555  1.00 30.51 ? 28  GLN A CD  1 
ATOM   212 O  OE1 . GLN A 1 28 ? 1.454   8.276   -7.661  1.00 28.00 ? 28  GLN A OE1 1 
ATOM   213 N  NE2 . GLN A 1 28 ? 1.409   10.112  -6.360  1.00 30.38 ? 28  GLN A NE2 1 
ATOM   214 N  N   . LEU A 1 29 ? 3.673   5.060   -3.224  1.00 17.60 ? 29  LEU A N   1 
ATOM   215 C  CA  . LEU A 1 29 ? 4.474   3.857   -3.065  1.00 13.82 ? 29  LEU A CA  1 
ATOM   216 C  C   . LEU A 1 29 ? 3.772   2.730   -3.803  1.00 14.73 ? 29  LEU A C   1 
ATOM   217 O  O   . LEU A 1 29 ? 2.559   2.553   -3.674  1.00 13.40 ? 29  LEU A O   1 
ATOM   218 C  CB  . LEU A 1 29 ? 4.627   3.477   -1.587  1.00 15.61 ? 29  LEU A CB  1 
ATOM   219 C  CG  . LEU A 1 29 ? 5.445   4.412   -0.693  1.00 17.65 ? 29  LEU A CG  1 
ATOM   220 C  CD1 . LEU A 1 29 ? 6.726   4.822   -1.415  1.00 19.13 ? 29  LEU A CD1 1 
ATOM   221 C  CD2 . LEU A 1 29 ? 4.628   5.636   -0.352  1.00 23.43 ? 29  LEU A CD2 1 
ATOM   222 N  N   . VAL A 1 30 ? 4.535   1.980   -4.588  1.00 11.03 ? 30  VAL A N   1 
ATOM   223 C  CA  . VAL A 1 30 ? 3.992   0.864   -5.341  1.00 13.27 ? 30  VAL A CA  1 
ATOM   224 C  C   . VAL A 1 30 ? 4.836   -0.362  -5.022  1.00 15.06 ? 30  VAL A C   1 
ATOM   225 O  O   . VAL A 1 30 ? 6.064   -0.318  -5.119  1.00 13.80 ? 30  VAL A O   1 
ATOM   226 C  CB  . VAL A 1 30 ? 4.060   1.127   -6.859  1.00 17.35 ? 30  VAL A CB  1 
ATOM   227 C  CG1 . VAL A 1 30 ? 3.495   -0.058  -7.618  1.00 15.22 ? 30  VAL A CG1 1 
ATOM   228 C  CG2 . VAL A 1 30 ? 3.309   2.406   -7.200  1.00 17.67 ? 30  VAL A CG2 1 
ATOM   229 N  N   . GLY A 1 31 ? 4.180   -1.451  -4.630  1.00 13.60 ? 31  GLY A N   1 
ATOM   230 C  CA  . GLY A 1 31 ? 4.915   -2.662  -4.310  1.00 12.93 ? 31  GLY A CA  1 
ATOM   231 C  C   . GLY A 1 31 ? 4.003   -3.831  -4.009  1.00 12.34 ? 31  GLY A C   1 
ATOM   232 O  O   . GLY A 1 31 ? 2.782   -3.702  -4.054  1.00 13.21 ? 31  GLY A O   1 
ATOM   233 N  N   . LYS A 1 32 ? 4.597   -4.980  -3.709  1.00 13.56 ? 32  LYS A N   1 
ATOM   234 C  CA  . LYS A 1 32 ? 3.821   -6.172  -3.403  1.00 11.92 ? 32  LYS A CA  1 
ATOM   235 C  C   . LYS A 1 32 ? 3.432   -6.158  -1.933  1.00 13.67 ? 32  LYS A C   1 
ATOM   236 O  O   . LYS A 1 32 ? 4.288   -6.005  -1.049  1.00 9.82  ? 32  LYS A O   1 
ATOM   237 C  CB  . LYS A 1 32 ? 4.634   -7.434  -3.706  1.00 13.57 ? 32  LYS A CB  1 
ATOM   238 C  CG  . LYS A 1 32 ? 3.877   -8.742  -3.451  1.00 13.10 ? 32  LYS A CG  1 
ATOM   239 C  CD  . LYS A 1 32 ? 4.828   -9.930  -3.503  1.00 16.44 ? 32  LYS A CD  1 
ATOM   240 C  CE  . LYS A 1 32 ? 4.119   -11.229 -3.164  1.00 21.19 ? 32  LYS A CE  1 
ATOM   241 N  NZ  . LYS A 1 32 ? 5.083   -12.318 -2.822  1.00 24.62 ? 32  LYS A NZ  1 
ATOM   242 N  N   . LEU A 1 33 ? 2.138   -6.316  -1.672  1.00 12.31 ? 33  LEU A N   1 
ATOM   243 C  CA  . LEU A 1 33 ? 1.653   -6.328  -0.301  1.00 12.95 ? 33  LEU A CA  1 
ATOM   244 C  C   . LEU A 1 33 ? 1.944   -7.696  0.303   1.00 14.89 ? 33  LEU A C   1 
ATOM   245 O  O   . LEU A 1 33 ? 1.309   -8.686  -0.053  1.00 13.36 ? 33  LEU A O   1 
ATOM   246 C  CB  . LEU A 1 33 ? 0.146   -6.041  -0.252  1.00 11.35 ? 33  LEU A CB  1 
ATOM   247 C  CG  . LEU A 1 33 ? -0.468  -6.015  1.156   1.00 10.95 ? 33  LEU A CG  1 
ATOM   248 C  CD1 . LEU A 1 33 ? 0.221   -4.963  2.004   1.00 7.68  ? 33  LEU A CD1 1 
ATOM   249 C  CD2 . LEU A 1 33 ? -1.963  -5.736  1.058   1.00 10.06 ? 33  LEU A CD2 1 
ATOM   250 N  N   . GLU A 1 34 ? 2.921   -7.739  1.204   1.00 14.72 ? 34  GLU A N   1 
ATOM   251 C  CA  . GLU A 1 34 ? 3.316   -8.982  1.859   1.00 16.11 ? 34  GLU A CA  1 
ATOM   252 C  C   . GLU A 1 34 ? 2.632   -9.181  3.200   1.00 16.23 ? 34  GLU A C   1 
ATOM   253 O  O   . GLU A 1 34 ? 2.549   -10.302 3.698   1.00 17.12 ? 34  GLU A O   1 
ATOM   254 C  CB  . GLU A 1 34 ? 4.835   -9.012  2.054   1.00 20.73 ? 34  GLU A CB  1 
ATOM   255 C  CG  . GLU A 1 34 ? 5.590   -9.446  0.818   1.00 29.40 ? 34  GLU A CG  1 
ATOM   256 C  CD  . GLU A 1 34 ? 5.431   -10.925 0.541   1.00 33.30 ? 34  GLU A CD  1 
ATOM   257 O  OE1 . GLU A 1 34 ? 5.979   -11.739 1.314   1.00 35.00 ? 34  GLU A OE1 1 
ATOM   258 O  OE2 . GLU A 1 34 ? 4.747   -11.273 -0.441  1.00 38.23 ? 34  GLU A OE2 1 
ATOM   259 N  N   . GLY A 1 35 ? 2.147   -8.094  3.788   1.00 14.92 ? 35  GLY A N   1 
ATOM   260 C  CA  . GLY A 1 35 ? 1.479   -8.203  5.071   1.00 17.13 ? 35  GLY A CA  1 
ATOM   261 C  C   . GLY A 1 35 ? 0.739   -6.945  5.479   1.00 14.75 ? 35  GLY A C   1 
ATOM   262 O  O   . GLY A 1 35 ? 1.107   -5.838  5.086   1.00 14.72 ? 35  GLY A O   1 
ATOM   263 N  N   . VAL A 1 36 ? -0.311  -7.125  6.270   1.00 14.61 ? 36  VAL A N   1 
ATOM   264 C  CA  . VAL A 1 36 ? -1.122  -6.019  6.755   1.00 14.03 ? 36  VAL A CA  1 
ATOM   265 C  C   . VAL A 1 36 ? -1.787  -6.438  8.069   1.00 16.53 ? 36  VAL A C   1 
ATOM   266 O  O   . VAL A 1 36 ? -1.967  -7.630  8.317   1.00 17.71 ? 36  VAL A O   1 
ATOM   267 C  CB  . VAL A 1 36 ? -2.218  -5.639  5.719   1.00 16.01 ? 36  VAL A CB  1 
ATOM   268 C  CG1 . VAL A 1 36 ? -3.069  -6.857  5.385   1.00 17.38 ? 36  VAL A CG1 1 
ATOM   269 C  CG2 . VAL A 1 36 ? -3.093  -4.516  6.260   1.00 16.33 ? 36  VAL A CG2 1 
ATOM   270 N  N   . ASP A 1 37 ? -2.115  -5.466  8.920   1.00 17.00 ? 37  ASP A N   1 
ATOM   271 C  CA  . ASP A 1 37 ? -2.791  -5.761  10.186  1.00 17.81 ? 37  ASP A CA  1 
ATOM   272 C  C   . ASP A 1 37 ? -4.065  -4.929  10.308  1.00 18.30 ? 37  ASP A C   1 
ATOM   273 O  O   . ASP A 1 37 ? -4.385  -4.145  9.415   1.00 16.80 ? 37  ASP A O   1 
ATOM   274 C  CB  . ASP A 1 37 ? -1.877  -5.508  11.391  1.00 17.10 ? 37  ASP A CB  1 
ATOM   275 C  CG  . ASP A 1 37 ? -1.280  -4.116  11.400  1.00 17.69 ? 37  ASP A CG  1 
ATOM   276 O  OD1 . ASP A 1 37 ? -1.970  -3.170  10.977  1.00 18.62 ? 37  ASP A OD1 1 
ATOM   277 O  OD2 . ASP A 1 37 ? -0.119  -3.974  11.850  1.00 17.45 ? 37  ASP A OD2 1 
ATOM   278 N  N   . ASP A 1 38 ? -4.783  -5.093  11.418  1.00 21.26 ? 38  ASP A N   1 
ATOM   279 C  CA  . ASP A 1 38 ? -6.034  -4.370  11.622  1.00 22.33 ? 38  ASP A CA  1 
ATOM   280 C  C   . ASP A 1 38 ? -5.910  -2.852  11.687  1.00 19.90 ? 38  ASP A C   1 
ATOM   281 O  O   . ASP A 1 38 ? -6.897  -2.145  11.506  1.00 21.89 ? 38  ASP A O   1 
ATOM   282 C  CB  . ASP A 1 38 ? -6.751  -4.881  12.876  1.00 26.36 ? 38  ASP A CB  1 
ATOM   283 C  CG  . ASP A 1 38 ? -7.287  -6.293  12.705  1.00 31.39 ? 38  ASP A CG  1 
ATOM   284 O  OD1 . ASP A 1 38 ? -7.693  -6.647  11.575  1.00 31.56 ? 38  ASP A OD1 1 
ATOM   285 O  OD2 . ASP A 1 38 ? -7.316  -7.044  13.702  1.00 35.31 ? 38  ASP A OD2 1 
ATOM   286 N  N   . TYR A 1 39 ? -4.713  -2.345  11.949  1.00 19.47 ? 39  TYR A N   1 
ATOM   287 C  CA  . TYR A 1 39 ? -4.525  -0.902  12.004  1.00 20.09 ? 39  TYR A CA  1 
ATOM   288 C  C   . TYR A 1 39 ? -4.082  -0.408  10.631  1.00 17.99 ? 39  TYR A C   1 
ATOM   289 O  O   . TYR A 1 39 ? -3.725  0.758   10.450  1.00 16.32 ? 39  TYR A O   1 
ATOM   290 C  CB  . TYR A 1 39 ? -3.480  -0.540  13.062  1.00 28.34 ? 39  TYR A CB  1 
ATOM   291 C  CG  . TYR A 1 39 ? -3.846  -1.018  14.448  1.00 36.83 ? 39  TYR A CG  1 
ATOM   292 C  CD1 . TYR A 1 39 ? -3.597  -2.332  14.842  1.00 40.12 ? 39  TYR A CD1 1 
ATOM   293 C  CD2 . TYR A 1 39 ? -4.465  -0.163  15.359  1.00 39.62 ? 39  TYR A CD2 1 
ATOM   294 C  CE1 . TYR A 1 39 ? -3.957  -2.785  16.112  1.00 42.98 ? 39  TYR A CE1 1 
ATOM   295 C  CE2 . TYR A 1 39 ? -4.829  -0.604  16.629  1.00 42.48 ? 39  TYR A CE2 1 
ATOM   296 C  CZ  . TYR A 1 39 ? -4.572  -1.913  16.999  1.00 43.68 ? 39  TYR A CZ  1 
ATOM   297 O  OH  . TYR A 1 39 ? -4.927  -2.350  18.255  1.00 46.23 ? 39  TYR A OH  1 
ATOM   298 N  N   . MET A 1 40 ? -4.115  -1.320  9.666   1.00 16.11 ? 40  MET A N   1 
ATOM   299 C  CA  . MET A 1 40 ? -3.713  -1.033  8.295   1.00 17.01 ? 40  MET A CA  1 
ATOM   300 C  C   . MET A 1 40 ? -2.239  -0.675  8.111   1.00 17.68 ? 40  MET A C   1 
ATOM   301 O  O   . MET A 1 40 ? -1.876  0.073   7.195   1.00 15.78 ? 40  MET A O   1 
ATOM   302 C  CB  . MET A 1 40 ? -4.617  0.042   7.678   1.00 19.38 ? 40  MET A CB  1 
ATOM   303 C  CG  . MET A 1 40 ? -5.958  -0.539  7.224   1.00 24.63 ? 40  MET A CG  1 
ATOM   304 S  SD  . MET A 1 40 ? -7.023  0.588   6.301   1.00 31.38 ? 40  MET A SD  1 
ATOM   305 C  CE  . MET A 1 40 ? -5.962  1.044   5.014   1.00 16.88 ? 40  MET A CE  1 
ATOM   306 N  N   . ASN A 1 41 ? -1.389  -1.187  8.999   1.00 14.05 ? 41  ASN A N   1 
ATOM   307 C  CA  . ASN A 1 41 ? 0.043   -0.987  8.826   1.00 14.62 ? 41  ASN A CA  1 
ATOM   308 C  C   . ASN A 1 41 ? 0.276   -1.866  7.602   1.00 14.43 ? 41  ASN A C   1 
ATOM   309 O  O   . ASN A 1 41 ? -0.402  -2.878  7.441   1.00 12.23 ? 41  ASN A O   1 
ATOM   310 C  CB  . ASN A 1 41 ? 0.835   -1.538  10.011  1.00 11.91 ? 41  ASN A CB  1 
ATOM   311 C  CG  . ASN A 1 41 ? 0.662   -0.703  11.259  1.00 15.14 ? 41  ASN A CG  1 
ATOM   312 O  OD1 . ASN A 1 41 ? 0.750   0.523   11.206  1.00 11.61 ? 41  ASN A OD1 1 
ATOM   313 N  ND2 . ASN A 1 41 ? 0.415   -1.361  12.390  1.00 11.10 ? 41  ASN A ND2 1 
ATOM   314 N  N   . LEU A 1 42 ? 1.207   -1.487  6.734   1.00 12.68 ? 42  LEU A N   1 
ATOM   315 C  CA  . LEU A 1 42 ? 1.455   -2.271  5.535   1.00 14.27 ? 42  LEU A CA  1 
ATOM   316 C  C   . LEU A 1 42 ? 2.922   -2.645  5.375   1.00 14.90 ? 42  LEU A C   1 
ATOM   317 O  O   . LEU A 1 42 ? 3.815   -1.842  5.645   1.00 14.11 ? 42  LEU A O   1 
ATOM   318 C  CB  . LEU A 1 42 ? 1.017   -1.487  4.288   1.00 14.12 ? 42  LEU A CB  1 
ATOM   319 C  CG  . LEU A 1 42 ? -0.378  -0.859  4.267   1.00 15.28 ? 42  LEU A CG  1 
ATOM   320 C  CD1 . LEU A 1 42 ? -0.509  0.024   3.033   1.00 14.57 ? 42  LEU A CD1 1 
ATOM   321 C  CD2 . LEU A 1 42 ? -1.451  -1.943  4.280   1.00 15.18 ? 42  LEU A CD2 1 
ATOM   322 N  N   . TYR A 1 43 ? 3.160   -3.874  4.931   1.00 14.49 ? 43  TYR A N   1 
ATOM   323 C  CA  . TYR A 1 43 ? 4.511   -4.340  4.672   1.00 11.72 ? 43  TYR A CA  1 
ATOM   324 C  C   . TYR A 1 43 ? 4.582   -4.676  3.189   1.00 12.35 ? 43  TYR A C   1 
ATOM   325 O  O   . TYR A 1 43 ? 3.947   -5.621  2.721   1.00 12.43 ? 43  TYR A O   1 
ATOM   326 C  CB  . TYR A 1 43 ? 4.855   -5.567  5.524   1.00 8.99  ? 43  TYR A CB  1 
ATOM   327 C  CG  . TYR A 1 43 ? 6.156   -6.247  5.133   1.00 12.05 ? 43  TYR A CG  1 
ATOM   328 C  CD1 . TYR A 1 43 ? 7.250   -5.507  4.683   1.00 13.25 ? 43  TYR A CD1 1 
ATOM   329 C  CD2 . TYR A 1 43 ? 6.294   -7.631  5.218   1.00 13.38 ? 43  TYR A CD2 1 
ATOM   330 C  CE1 . TYR A 1 43 ? 8.444   -6.126  4.324   1.00 17.56 ? 43  TYR A CE1 1 
ATOM   331 C  CE2 . TYR A 1 43 ? 7.484   -8.261  4.862   1.00 15.44 ? 43  TYR A CE2 1 
ATOM   332 C  CZ  . TYR A 1 43 ? 8.554   -7.502  4.412   1.00 17.83 ? 43  TYR A CZ  1 
ATOM   333 O  OH  . TYR A 1 43 ? 9.724   -8.117  4.028   1.00 17.24 ? 43  TYR A OH  1 
ATOM   334 N  N   . LEU A 1 44 ? 5.343   -3.870  2.455   1.00 11.88 ? 44  LEU A N   1 
ATOM   335 C  CA  . LEU A 1 44 ? 5.511   -4.056  1.021   1.00 12.68 ? 44  LEU A CA  1 
ATOM   336 C  C   . LEU A 1 44 ? 6.917   -4.542  0.712   1.00 10.41 ? 44  LEU A C   1 
ATOM   337 O  O   . LEU A 1 44 ? 7.865   -4.200  1.416   1.00 14.24 ? 44  LEU A O   1 
ATOM   338 C  CB  . LEU A 1 44 ? 5.290   -2.732  0.279   1.00 14.22 ? 44  LEU A CB  1 
ATOM   339 C  CG  . LEU A 1 44 ? 3.961   -1.997  0.456   1.00 17.86 ? 44  LEU A CG  1 
ATOM   340 C  CD1 . LEU A 1 44 ? 3.937   -0.770  -0.449  1.00 15.18 ? 44  LEU A CD1 1 
ATOM   341 C  CD2 . LEU A 1 44 ? 2.815   -2.928  0.114   1.00 18.92 ? 44  LEU A CD2 1 
ATOM   342 N  N   . THR A 1 45 ? 7.043   -5.344  -0.336  1.00 9.36  ? 45  THR A N   1 
ATOM   343 C  CA  . THR A 1 45 ? 8.342   -5.836  -0.767  1.00 9.49  ? 45  THR A CA  1 
ATOM   344 C  C   . THR A 1 45 ? 8.476   -5.430  -2.227  1.00 12.47 ? 45  THR A C   1 
ATOM   345 O  O   . THR A 1 45 ? 7.468   -5.169  -2.889  1.00 13.56 ? 45  THR A O   1 
ATOM   346 C  CB  . THR A 1 45 ? 8.452   -7.368  -0.656  1.00 10.31 ? 45  THR A CB  1 
ATOM   347 O  OG1 . THR A 1 45 ? 7.396   -7.980  -1.403  1.00 13.74 ? 45  THR A OG1 1 
ATOM   348 C  CG2 . THR A 1 45 ? 8.369   -7.808  0.817   1.00 12.90 ? 45  THR A CG2 1 
ATOM   349 N  N   . ASN A 1 46 ? 9.712   -5.358  -2.715  1.00 11.09 ? 46  ASN A N   1 
ATOM   350 C  CA  . ASN A 1 46 ? 9.969   -4.979  -4.100  1.00 11.16 ? 46  ASN A CA  1 
ATOM   351 C  C   . ASN A 1 46 ? 9.306   -3.630  -4.398  1.00 12.84 ? 46  ASN A C   1 
ATOM   352 O  O   . ASN A 1 46 ? 8.878   -3.366  -5.520  1.00 14.48 ? 46  ASN A O   1 
ATOM   353 C  CB  . ASN A 1 46 ? 9.409   -6.065  -5.024  1.00 12.47 ? 46  ASN A CB  1 
ATOM   354 C  CG  . ASN A 1 46 ? 9.846   -7.461  -4.601  1.00 13.81 ? 46  ASN A CG  1 
ATOM   355 O  OD1 . ASN A 1 46 ? 11.006  -7.825  -4.747  1.00 12.92 ? 46  ASN A OD1 1 
ATOM   356 N  ND2 . ASN A 1 46 ? 8.915   -8.237  -4.050  1.00 15.15 ? 46  ASN A ND2 1 
ATOM   357 N  N   . ALA A 1 47 ? 9.249   -2.773  -3.385  1.00 12.36 ? 47  ALA A N   1 
ATOM   358 C  CA  . ALA A 1 47 ? 8.607   -1.473  -3.507  1.00 11.04 ? 47  ALA A CA  1 
ATOM   359 C  C   . ALA A 1 47 ? 9.409   -0.396  -4.223  1.00 13.51 ? 47  ALA A C   1 
ATOM   360 O  O   . ALA A 1 47 ? 10.638  -0.445  -4.291  1.00 14.67 ? 47  ALA A O   1 
ATOM   361 C  CB  . ALA A 1 47 ? 8.208   -0.972  -2.135  1.00 13.09 ? 47  ALA A CB  1 
ATOM   362 N  N   . MET A 1 48 ? 8.689   0.589   -4.739  1.00 14.15 ? 48  MET A N   1 
ATOM   363 C  CA  . MET A 1 48 ? 9.302   1.711   -5.432  1.00 20.38 ? 48  MET A CA  1 
ATOM   364 C  C   . MET A 1 48 ? 8.482   2.967   -5.182  1.00 19.08 ? 48  MET A C   1 
ATOM   365 O  O   . MET A 1 48 ? 7.290   2.900   -4.887  1.00 16.15 ? 48  MET A O   1 
ATOM   366 C  CB  . MET A 1 48 ? 9.374   1.441   -6.935  1.00 25.54 ? 48  MET A CB  1 
ATOM   367 C  CG  . MET A 1 48 ? 8.029   1.210   -7.588  1.00 32.64 ? 48  MET A CG  1 
ATOM   368 S  SD  . MET A 1 48 ? 8.168   0.916   -9.358  1.00 41.02 ? 48  MET A SD  1 
ATOM   369 C  CE  . MET A 1 48 ? 8.450   -0.864  -9.391  1.00 40.25 ? 48  MET A CE  1 
ATOM   370 N  N   . GLU A 1 49 ? 9.134   4.114   -5.296  1.00 17.46 ? 49  GLU A N   1 
ATOM   371 C  CA  . GLU A 1 49 ? 8.465   5.387   -5.111  1.00 19.10 ? 49  GLU A CA  1 
ATOM   372 C  C   . GLU A 1 49 ? 8.094   5.815   -6.527  1.00 19.95 ? 49  GLU A C   1 
ATOM   373 O  O   . GLU A 1 49 ? 8.942   5.804   -7.422  1.00 18.79 ? 49  GLU A O   1 
ATOM   374 C  CB  . GLU A 1 49 ? 9.431   6.383   -4.476  1.00 20.68 ? 49  GLU A CB  1 
ATOM   375 C  CG  . GLU A 1 49 ? 8.798   7.642   -3.945  1.00 28.05 ? 49  GLU A CG  1 
ATOM   376 C  CD  . GLU A 1 49 ? 9.806   8.515   -3.225  1.00 31.22 ? 49  GLU A CD  1 
ATOM   377 O  OE1 . GLU A 1 49 ? 10.495  8.005   -2.317  1.00 33.97 ? 49  GLU A OE1 1 
ATOM   378 O  OE2 . GLU A 1 49 ? 9.911   9.709   -3.567  1.00 35.11 ? 49  GLU A OE2 1 
ATOM   379 N  N   . CYS A 1 50 ? 6.831   6.175   -6.731  1.00 18.43 ? 50  CYS A N   1 
ATOM   380 C  CA  . CYS A 1 50 ? 6.365   6.575   -8.048  1.00 23.55 ? 50  CYS A CA  1 
ATOM   381 C  C   . CYS A 1 50 ? 5.537   7.854   -8.028  1.00 24.85 ? 50  CYS A C   1 
ATOM   382 O  O   . CYS A 1 50 ? 5.038   8.279   -6.990  1.00 24.75 ? 50  CYS A O   1 
ATOM   383 C  CB  . CYS A 1 50 ? 5.507   5.462   -8.673  1.00 23.56 ? 50  CYS A CB  1 
ATOM   384 S  SG  . CYS A 1 50 ? 6.306   3.843   -8.875  1.00 27.18 ? 50  CYS A SG  1 
ATOM   385 N  N   . LYS A 1 51 ? 5.418   8.460   -9.202  1.00 27.16 ? 51  LYS A N   1 
ATOM   386 C  CA  . LYS A 1 51 ? 4.619   9.660   -9.413  1.00 32.30 ? 51  LYS A CA  1 
ATOM   387 C  C   . LYS A 1 51 ? 3.769   9.268   -10.612 1.00 34.33 ? 51  LYS A C   1 
ATOM   388 O  O   . LYS A 1 51 ? 4.065   9.633   -11.749 1.00 36.68 ? 51  LYS A O   1 
ATOM   389 C  CB  . LYS A 1 51 ? 5.500   10.859  -9.767  1.00 33.18 ? 51  LYS A CB  1 
ATOM   390 C  CG  . LYS A 1 51 ? 6.002   11.640  -8.567  1.00 35.44 ? 51  LYS A CG  1 
ATOM   391 C  CD  . LYS A 1 51 ? 6.815   12.846  -9.014  1.00 37.00 ? 51  LYS A CD  1 
ATOM   392 C  CE  . LYS A 1 51 ? 6.682   13.988  -8.028  1.00 37.26 ? 51  LYS A CE  1 
ATOM   393 N  NZ  . LYS A 1 51 ? 5.271   14.446  -7.953  1.00 37.82 ? 51  LYS A NZ  1 
ATOM   394 N  N   . GLY A 1 52 ? 2.718   8.503   -10.350 1.00 36.17 ? 52  GLY A N   1 
ATOM   395 C  CA  . GLY A 1 52 ? 1.879   8.033   -11.431 1.00 36.07 ? 52  GLY A CA  1 
ATOM   396 C  C   . GLY A 1 52 ? 2.605   6.832   -12.000 1.00 37.69 ? 52  GLY A C   1 
ATOM   397 O  O   . GLY A 1 52 ? 3.015   5.943   -11.250 1.00 37.36 ? 52  GLY A O   1 
ATOM   398 N  N   . GLU A 1 53 ? 2.793   6.804   -13.313 1.00 36.96 ? 53  GLU A N   1 
ATOM   399 C  CA  . GLU A 1 53 ? 3.486   5.688   -13.939 1.00 38.00 ? 53  GLU A CA  1 
ATOM   400 C  C   . GLU A 1 53 ? 4.995   5.926   -13.986 1.00 35.81 ? 53  GLU A C   1 
ATOM   401 O  O   . GLU A 1 53 ? 5.740   5.126   -14.552 1.00 36.99 ? 53  GLU A O   1 
ATOM   402 C  CB  . GLU A 1 53 ? 2.946   5.465   -15.353 1.00 40.98 ? 53  GLU A CB  1 
ATOM   403 C  CG  . GLU A 1 53 ? 1.439   5.269   -15.413 1.00 46.00 ? 53  GLU A CG  1 
ATOM   404 C  CD  . GLU A 1 53 ? 0.964   4.094   -14.575 1.00 49.17 ? 53  GLU A CD  1 
ATOM   405 O  OE1 . GLU A 1 53 ? 1.401   2.956   -14.842 1.00 51.39 ? 53  GLU A OE1 1 
ATOM   406 O  OE2 . GLU A 1 53 ? 0.151   4.309   -13.650 1.00 50.07 ? 53  GLU A OE2 1 
ATOM   407 N  N   . GLU A 1 54 ? 5.442   7.021   -13.379 1.00 32.81 ? 54  GLU A N   1 
ATOM   408 C  CA  . GLU A 1 54 ? 6.861   7.363   -13.361 1.00 30.87 ? 54  GLU A CA  1 
ATOM   409 C  C   . GLU A 1 54 ? 7.578   6.934   -12.085 1.00 27.61 ? 54  GLU A C   1 
ATOM   410 O  O   . GLU A 1 54 ? 7.250   7.387   -10.991 1.00 29.24 ? 54  GLU A O   1 
ATOM   411 C  CB  . GLU A 1 54 ? 7.043   8.871   -13.552 1.00 34.29 ? 54  GLU A CB  1 
ATOM   412 C  CG  . GLU A 1 54 ? 6.555   9.397   -14.891 1.00 37.10 ? 54  GLU A CG  1 
ATOM   413 C  CD  . GLU A 1 54 ? 7.296   8.784   -16.063 1.00 39.05 ? 54  GLU A CD  1 
ATOM   414 O  OE1 . GLU A 1 54 ? 8.537   8.920   -16.123 1.00 39.81 ? 54  GLU A OE1 1 
ATOM   415 O  OE2 . GLU A 1 54 ? 6.638   8.166   -16.924 1.00 41.42 ? 54  GLU A OE2 1 
ATOM   416 N  N   . LYS A 1 55 ? 8.570   6.065   -12.246 1.00 26.15 ? 55  LYS A N   1 
ATOM   417 C  CA  . LYS A 1 55 ? 9.381   5.557   -11.142 1.00 24.91 ? 55  LYS A CA  1 
ATOM   418 C  C   . LYS A 1 55 ? 10.469  6.574   -10.785 1.00 26.12 ? 55  LYS A C   1 
ATOM   419 O  O   . LYS A 1 55 ? 11.181  7.062   -11.668 1.00 24.82 ? 55  LYS A O   1 
ATOM   420 C  CB  . LYS A 1 55 ? 10.014  4.229   -11.569 1.00 28.30 ? 55  LYS A CB  1 
ATOM   421 C  CG  . LYS A 1 55 ? 11.279  3.821   -10.835 1.00 31.15 ? 55  LYS A CG  1 
ATOM   422 C  CD  . LYS A 1 55 ? 11.002  3.303   -9.441  1.00 35.12 ? 55  LYS A CD  1 
ATOM   423 C  CE  . LYS A 1 55 ? 11.734  1.989   -9.206  1.00 34.85 ? 55  LYS A CE  1 
ATOM   424 N  NZ  . LYS A 1 55 ? 13.174  2.074   -9.574  1.00 38.47 ? 55  LYS A NZ  1 
ATOM   425 N  N   . VAL A 1 56 ? 10.597  6.895   -9.498  1.00 22.26 ? 56  VAL A N   1 
ATOM   426 C  CA  . VAL A 1 56 ? 11.606  7.855   -9.059  1.00 22.11 ? 56  VAL A CA  1 
ATOM   427 C  C   . VAL A 1 56 ? 12.648  7.283   -8.099  1.00 22.94 ? 56  VAL A C   1 
ATOM   428 O  O   . VAL A 1 56 ? 13.765  7.781   -8.039  1.00 20.13 ? 56  VAL A O   1 
ATOM   429 C  CB  . VAL A 1 56 ? 10.956  9.096   -8.402  1.00 24.28 ? 56  VAL A CB  1 
ATOM   430 C  CG1 . VAL A 1 56 ? 10.037  9.785   -9.398  1.00 24.86 ? 56  VAL A CG1 1 
ATOM   431 C  CG2 . VAL A 1 56 ? 10.186  8.694   -7.163  1.00 22.83 ? 56  VAL A CG2 1 
ATOM   432 N  N   . ARG A 1 57 ? 12.287  6.244   -7.345  1.00 21.31 ? 57  ARG A N   1 
ATOM   433 C  CA  . ARG A 1 57 ? 13.222  5.622   -6.404  1.00 21.32 ? 57  ARG A CA  1 
ATOM   434 C  C   . ARG A 1 57 ? 12.892  4.158   -6.137  1.00 22.16 ? 57  ARG A C   1 
ATOM   435 O  O   . ARG A 1 57 ? 11.727  3.797   -6.009  1.00 19.00 ? 57  ARG A O   1 
ATOM   436 C  CB  . ARG A 1 57 ? 13.206  6.336   -5.047  1.00 26.83 ? 57  ARG A CB  1 
ATOM   437 C  CG  . ARG A 1 57 ? 13.881  7.686   -4.970  1.00 32.40 ? 57  ARG A CG  1 
ATOM   438 C  CD  . ARG A 1 57 ? 14.194  8.006   -3.508  1.00 34.30 ? 57  ARG A CD  1 
ATOM   439 N  NE  . ARG A 1 57 ? 14.741  9.344   -3.311  1.00 38.31 ? 57  ARG A NE  1 
ATOM   440 C  CZ  . ARG A 1 57 ? 14.010  10.453  -3.247  1.00 40.20 ? 57  ARG A CZ  1 
ATOM   441 N  NH1 . ARG A 1 57 ? 12.689  10.392  -3.364  1.00 38.65 ? 57  ARG A NH1 1 
ATOM   442 N  NH2 . ARG A 1 57 ? 14.602  11.626  -3.057  1.00 41.69 ? 57  ARG A NH2 1 
ATOM   443 N  N   . SER A 1 58 ? 13.923  3.323   -6.049  1.00 22.24 ? 58  SER A N   1 
ATOM   444 C  CA  . SER A 1 58 ? 13.740  1.907   -5.732  1.00 21.16 ? 58  SER A CA  1 
ATOM   445 C  C   . SER A 1 58 ? 13.851  1.836   -4.215  1.00 20.11 ? 58  SER A C   1 
ATOM   446 O  O   . SER A 1 58 ? 14.753  2.442   -3.632  1.00 23.47 ? 58  SER A O   1 
ATOM   447 C  CB  . SER A 1 58 ? 14.839  1.051   -6.374  1.00 22.39 ? 58  SER A CB  1 
ATOM   448 O  OG  . SER A 1 58 ? 14.607  0.883   -7.759  1.00 25.78 ? 58  SER A OG  1 
ATOM   449 N  N   . LEU A 1 59 ? 12.946  1.107   -3.572  1.00 16.60 ? 59  LEU A N   1 
ATOM   450 C  CA  . LEU A 1 59 ? 12.955  1.012   -2.121  1.00 18.57 ? 59  LEU A CA  1 
ATOM   451 C  C   . LEU A 1 59 ? 13.138  -0.400  -1.566  1.00 18.10 ? 59  LEU A C   1 
ATOM   452 O  O   . LEU A 1 59 ? 13.768  -0.577  -0.530  1.00 21.22 ? 59  LEU A O   1 
ATOM   453 C  CB  . LEU A 1 59 ? 11.660  1.606   -1.560  1.00 21.78 ? 59  LEU A CB  1 
ATOM   454 C  CG  . LEU A 1 59 ? 11.332  3.055   -1.930  1.00 20.89 ? 59  LEU A CG  1 
ATOM   455 C  CD1 . LEU A 1 59 ? 9.984   3.438   -1.333  1.00 25.63 ? 59  LEU A CD1 1 
ATOM   456 C  CD2 . LEU A 1 59 ? 12.416  3.982   -1.419  1.00 21.80 ? 59  LEU A CD2 1 
ATOM   457 N  N   . GLY A 1 60 ? 12.582  -1.398  -2.243  1.00 13.34 ? 60  GLY A N   1 
ATOM   458 C  CA  . GLY A 1 60 ? 12.712  -2.759  -1.756  1.00 14.81 ? 60  GLY A CA  1 
ATOM   459 C  C   . GLY A 1 60 ? 11.708  -3.020  -0.647  1.00 12.11 ? 60  GLY A C   1 
ATOM   460 O  O   . GLY A 1 60 ? 10.511  -2.803  -0.827  1.00 13.49 ? 60  GLY A O   1 
ATOM   461 N  N   . GLU A 1 61 ? 12.189  -3.473  0.502   1.00 11.35 ? 61  GLU A N   1 
ATOM   462 C  CA  . GLU A 1 61 ? 11.313  -3.759  1.634   1.00 14.34 ? 61  GLU A CA  1 
ATOM   463 C  C   . GLU A 1 61 ? 11.007  -2.510  2.458   1.00 12.24 ? 61  GLU A C   1 
ATOM   464 O  O   . GLU A 1 61 ? 11.921  -1.805  2.880   1.00 10.89 ? 61  GLU A O   1 
ATOM   465 C  CB  . GLU A 1 61 ? 11.954  -4.795  2.561   1.00 16.30 ? 61  GLU A CB  1 
ATOM   466 C  CG  . GLU A 1 61 ? 12.306  -6.115  1.913   1.00 17.55 ? 61  GLU A CG  1 
ATOM   467 C  CD  . GLU A 1 61 ? 12.790  -7.132  2.930   1.00 22.60 ? 61  GLU A CD  1 
ATOM   468 O  OE1 . GLU A 1 61 ? 13.723  -6.814  3.696   1.00 20.88 ? 61  GLU A OE1 1 
ATOM   469 O  OE2 . GLU A 1 61 ? 12.242  -8.251  2.962   1.00 25.49 ? 61  GLU A OE2 1 
ATOM   470 N  N   . ILE A 1 62 ? 9.728   -2.234  2.692   1.00 11.62 ? 62  ILE A N   1 
ATOM   471 C  CA  . ILE A 1 62 ? 9.355   -1.076  3.509   1.00 11.62 ? 62  ILE A CA  1 
ATOM   472 C  C   . ILE A 1 62 ? 8.100   -1.361  4.317   1.00 12.85 ? 62  ILE A C   1 
ATOM   473 O  O   . ILE A 1 62 ? 7.260   -2.159  3.916   1.00 11.49 ? 62  ILE A O   1 
ATOM   474 C  CB  . ILE A 1 62 ? 9.071   0.192   2.666   1.00 11.98 ? 62  ILE A CB  1 
ATOM   475 C  CG1 . ILE A 1 62 ? 7.956   -0.094  1.657   1.00 15.00 ? 62  ILE A CG1 1 
ATOM   476 C  CG2 . ILE A 1 62 ? 10.340  0.663   1.959   1.00 15.73 ? 62  ILE A CG2 1 
ATOM   477 C  CD1 . ILE A 1 62 ? 7.493   1.139   0.896   1.00 15.99 ? 62  ILE A CD1 1 
ATOM   478 N  N   . VAL A 1 63 ? 7.981   -0.694  5.457   1.00 12.59 ? 63  VAL A N   1 
ATOM   479 C  CA  . VAL A 1 63 ? 6.814   -0.838  6.313   1.00 12.70 ? 63  VAL A CA  1 
ATOM   480 C  C   . VAL A 1 63 ? 6.145   0.530   6.400   1.00 12.11 ? 63  VAL A C   1 
ATOM   481 O  O   . VAL A 1 63 ? 6.789   1.521   6.756   1.00 12.86 ? 63  VAL A O   1 
ATOM   482 C  CB  . VAL A 1 63 ? 7.211   -1.306  7.728   1.00 13.16 ? 63  VAL A CB  1 
ATOM   483 C  CG1 . VAL A 1 63 ? 6.019   -1.204  8.665   1.00 12.01 ? 63  VAL A CG1 1 
ATOM   484 C  CG2 . VAL A 1 63 ? 7.736   -2.740  7.670   1.00 11.50 ? 63  VAL A CG2 1 
ATOM   485 N  N   . LEU A 1 64 ? 4.861   0.584   6.061   1.00 11.28 ? 64  LEU A N   1 
ATOM   486 C  CA  . LEU A 1 64 ? 4.111   1.837   6.100   1.00 10.77 ? 64  LEU A CA  1 
ATOM   487 C  C   . LEU A 1 64 ? 3.219   1.883   7.343   1.00 13.62 ? 64  LEU A C   1 
ATOM   488 O  O   . LEU A 1 64 ? 2.518   0.918   7.651   1.00 14.37 ? 64  LEU A O   1 
ATOM   489 C  CB  . LEU A 1 64 ? 3.262   1.979   4.831   1.00 13.71 ? 64  LEU A CB  1 
ATOM   490 C  CG  . LEU A 1 64 ? 4.041   1.876   3.507   1.00 15.56 ? 64  LEU A CG  1 
ATOM   491 C  CD1 . LEU A 1 64 ? 3.093   2.040   2.318   1.00 14.13 ? 64  LEU A CD1 1 
ATOM   492 C  CD2 . LEU A 1 64 ? 5.123   2.939   3.470   1.00 15.63 ? 64  LEU A CD2 1 
ATOM   493 N  N   . ARG A 1 65 ? 3.260   3.004   8.062   1.00 12.50 ? 65  ARG A N   1 
ATOM   494 C  CA  . ARG A 1 65 ? 2.458   3.165   9.271   1.00 12.04 ? 65  ARG A CA  1 
ATOM   495 C  C   . ARG A 1 65 ? 0.994   3.391   8.900   1.00 12.71 ? 65  ARG A C   1 
ATOM   496 O  O   . ARG A 1 65 ? 0.668   4.325   8.176   1.00 9.50  ? 65  ARG A O   1 
ATOM   497 C  CB  . ARG A 1 65 ? 2.976   4.347   10.089  1.00 11.52 ? 65  ARG A CB  1 
ATOM   498 C  CG  . ARG A 1 65 ? 2.295   4.533   11.427  1.00 15.06 ? 65  ARG A CG  1 
ATOM   499 C  CD  . ARG A 1 65 ? 2.611   3.376   12.364  1.00 16.75 ? 65  ARG A CD  1 
ATOM   500 N  NE  . ARG A 1 65 ? 2.045   3.587   13.692  1.00 21.45 ? 65  ARG A NE  1 
ATOM   501 C  CZ  . ARG A 1 65 ? 0.808   3.260   14.044  1.00 24.46 ? 65  ARG A CZ  1 
ATOM   502 N  NH1 . ARG A 1 65 ? -0.010  2.697   13.162  1.00 27.58 ? 65  ARG A NH1 1 
ATOM   503 N  NH2 . ARG A 1 65 ? 0.390   3.493   15.283  1.00 24.35 ? 65  ARG A NH2 1 
ATOM   504 N  N   . GLY A 1 66 ? 0.122   2.531   9.418   1.00 9.02  ? 66  GLY A N   1 
ATOM   505 C  CA  . GLY A 1 66 ? -1.298  2.616   9.121   1.00 9.34  ? 66  GLY A CA  1 
ATOM   506 C  C   . GLY A 1 66 ? -2.018  3.945   9.295   1.00 11.68 ? 66  GLY A C   1 
ATOM   507 O  O   . GLY A 1 66 ? -2.799  4.340   8.427   1.00 13.98 ? 66  GLY A O   1 
ATOM   508 N  N   . ASN A 1 67 ? -1.781  4.654   10.391  1.00 12.26 ? 67  ASN A N   1 
ATOM   509 C  CA  . ASN A 1 67 ? -2.506  5.906   10.559  1.00 17.65 ? 67  ASN A CA  1 
ATOM   510 C  C   . ASN A 1 67 ? -2.037  7.002   9.610   1.00 14.32 ? 67  ASN A C   1 
ATOM   511 O  O   . ASN A 1 67 ? -2.632  8.070   9.567   1.00 14.19 ? 67  ASN A O   1 
ATOM   512 C  CB  . ASN A 1 67 ? -2.452  6.402   12.006  1.00 24.07 ? 67  ASN A CB  1 
ATOM   513 C  CG  . ASN A 1 67 ? -1.061  6.724   12.457  1.00 26.78 ? 67  ASN A CG  1 
ATOM   514 O  OD1 . ASN A 1 67 ? -0.252  5.829   12.693  1.00 32.41 ? 67  ASN A OD1 1 
ATOM   515 N  ND2 . ASN A 1 67 ? -0.765  8.014   12.578  1.00 30.24 ? 67  ASN A ND2 1 
ATOM   516 N  N   . ASN A 1 68 ? -0.977  6.743   8.851   1.00 12.47 ? 68  ASN A N   1 
ATOM   517 C  CA  . ASN A 1 68 ? -0.503  7.737   7.889   1.00 12.98 ? 68  ASN A CA  1 
ATOM   518 C  C   . ASN A 1 68 ? -0.790  7.323   6.450   1.00 14.35 ? 68  ASN A C   1 
ATOM   519 O  O   . ASN A 1 68 ? -0.394  7.997   5.486   1.00 12.18 ? 68  ASN A O   1 
ATOM   520 C  CB  . ASN A 1 68 ? 0.978   8.039   8.112   1.00 12.57 ? 68  ASN A CB  1 
ATOM   521 C  CG  . ASN A 1 68 ? 1.194   8.866   9.369   1.00 14.23 ? 68  ASN A CG  1 
ATOM   522 O  OD1 . ASN A 1 68 ? 0.457   9.818   9.616   1.00 14.44 ? 68  ASN A OD1 1 
ATOM   523 N  ND2 . ASN A 1 68 ? 2.188   8.506   10.165  1.00 12.25 ? 68  ASN A ND2 1 
ATOM   524 N  N   . VAL A 1 69 ? -1.503  6.210   6.315   1.00 11.13 ? 69  VAL A N   1 
ATOM   525 C  CA  . VAL A 1 69 ? -1.917  5.728   5.002   1.00 12.90 ? 69  VAL A CA  1 
ATOM   526 C  C   . VAL A 1 69 ? -3.148  6.556   4.657   1.00 12.03 ? 69  VAL A C   1 
ATOM   527 O  O   . VAL A 1 69 ? -4.023  6.748   5.503   1.00 13.49 ? 69  VAL A O   1 
ATOM   528 C  CB  . VAL A 1 69 ? -2.345  4.241   5.036   1.00 12.99 ? 69  VAL A CB  1 
ATOM   529 C  CG1 . VAL A 1 69 ? -3.055  3.878   3.735   1.00 10.85 ? 69  VAL A CG1 1 
ATOM   530 C  CG2 . VAL A 1 69 ? -1.125  3.347   5.226   1.00 13.91 ? 69  VAL A CG2 1 
ATOM   531 N  N   . VAL A 1 70 ? -3.213  7.066   3.434   1.00 10.26 ? 70  VAL A N   1 
ATOM   532 C  CA  . VAL A 1 70 ? -4.368  7.854   3.018   1.00 9.03  ? 70  VAL A CA  1 
ATOM   533 C  C   . VAL A 1 70 ? -5.289  7.032   2.125   1.00 10.37 ? 70  VAL A C   1 
ATOM   534 O  O   . VAL A 1 70 ? -6.487  6.895   2.395   1.00 13.74 ? 70  VAL A O   1 
ATOM   535 C  CB  . VAL A 1 70 ? -3.939  9.131   2.243   1.00 12.59 ? 70  VAL A CB  1 
ATOM   536 C  CG1 . VAL A 1 70 ? -5.175  9.861   1.710   1.00 11.93 ? 70  VAL A CG1 1 
ATOM   537 C  CG2 . VAL A 1 70 ? -3.138  10.052  3.165   1.00 12.95 ? 70  VAL A CG2 1 
ATOM   538 N  N   . LEU A 1 71 ? -4.714  6.460   1.076   1.00 10.76 ? 71  LEU A N   1 
ATOM   539 C  CA  . LEU A 1 71 ? -5.480  5.686   0.113   1.00 14.37 ? 71  LEU A CA  1 
ATOM   540 C  C   . LEU A 1 71 ? -4.693  4.476   -0.388  1.00 13.59 ? 71  LEU A C   1 
ATOM   541 O  O   . LEU A 1 71 ? -3.482  4.556   -0.587  1.00 14.87 ? 71  LEU A O   1 
ATOM   542 C  CB  . LEU A 1 71 ? -5.861  6.608   -1.059  1.00 15.71 ? 71  LEU A CB  1 
ATOM   543 C  CG  . LEU A 1 71 ? -6.640  6.100   -2.278  1.00 19.18 ? 71  LEU A CG  1 
ATOM   544 C  CD1 . LEU A 1 71 ? -7.146  7.301   -3.088  1.00 18.54 ? 71  LEU A CD1 1 
ATOM   545 C  CD2 . LEU A 1 71 ? -5.751  5.221   -3.141  1.00 19.07 ? 71  LEU A CD2 1 
ATOM   546 N  N   . ILE A 1 72 ? -5.391  3.359   -0.579  1.00 11.85 ? 72  ILE A N   1 
ATOM   547 C  CA  . ILE A 1 72 ? -4.780  2.130   -1.081  1.00 12.14 ? 72  ILE A CA  1 
ATOM   548 C  C   . ILE A 1 72 ? -5.554  1.732   -2.327  1.00 13.51 ? 72  ILE A C   1 
ATOM   549 O  O   . ILE A 1 72 ? -6.779  1.717   -2.322  1.00 13.00 ? 72  ILE A O   1 
ATOM   550 C  CB  . ILE A 1 72 ? -4.877  0.969   -0.065  1.00 15.00 ? 72  ILE A CB  1 
ATOM   551 C  CG1 . ILE A 1 72 ? -4.169  1.347   1.235   1.00 13.31 ? 72  ILE A CG1 1 
ATOM   552 C  CG2 . ILE A 1 72 ? -4.249  -0.300  -0.666  1.00 15.75 ? 72  ILE A CG2 1 
ATOM   553 C  CD1 . ILE A 1 72 ? -4.258  0.266   2.317   1.00 16.07 ? 72  ILE A CD1 1 
ATOM   554 N  N   . GLN A 1 73 ? -4.835  1.413   -3.395  1.00 15.97 ? 73  GLN A N   1 
ATOM   555 C  CA  . GLN A 1 73 ? -5.473  1.043   -4.648  1.00 17.94 ? 73  GLN A CA  1 
ATOM   556 C  C   . GLN A 1 73 ? -4.798  -0.162  -5.280  1.00 19.26 ? 73  GLN A C   1 
ATOM   557 O  O   . GLN A 1 73 ? -3.583  -0.168  -5.470  1.00 19.75 ? 73  GLN A O   1 
ATOM   558 C  CB  . GLN A 1 73 ? -5.413  2.227   -5.625  1.00 20.01 ? 73  GLN A CB  1 
ATOM   559 C  CG  . GLN A 1 73 ? -5.822  1.894   -7.053  1.00 22.80 ? 73  GLN A CG  1 
ATOM   560 C  CD  . GLN A 1 73 ? -5.546  3.031   -8.023  1.00 24.83 ? 73  GLN A CD  1 
ATOM   561 O  OE1 . GLN A 1 73 ? -4.433  3.556   -8.081  1.00 25.58 ? 73  GLN A OE1 1 
ATOM   562 N  NE2 . GLN A 1 73 ? -6.558  3.412   -8.795  1.00 24.85 ? 73  GLN A NE2 1 
ATOM   563 N  N   . PRO A 1 74 ? -5.576  -1.206  -5.601  1.00 21.71 ? 74  PRO A N   1 
ATOM   564 C  CA  . PRO A 1 74 ? -4.978  -2.389  -6.225  1.00 23.39 ? 74  PRO A CA  1 
ATOM   565 C  C   . PRO A 1 74 ? -4.335  -1.890  -7.515  1.00 28.88 ? 74  PRO A C   1 
ATOM   566 O  O   . PRO A 1 74 ? -4.880  -0.997  -8.168  1.00 28.01 ? 74  PRO A O   1 
ATOM   567 C  CB  . PRO A 1 74 ? -6.184  -3.284  -6.499  1.00 25.69 ? 74  PRO A CB  1 
ATOM   568 C  CG  . PRO A 1 74 ? -7.151  -2.896  -5.409  1.00 25.64 ? 74  PRO A CG  1 
ATOM   569 C  CD  . PRO A 1 74 ? -7.024  -1.395  -5.396  1.00 23.40 ? 74  PRO A CD  1 
ATOM   570 N  N   . GLN A 1 75 ? -3.182  -2.434  -7.879  1.00 32.73 ? 75  GLN A N   1 
ATOM   571 C  CA  . GLN A 1 75 ? -2.528  -1.987  -9.100  1.00 39.17 ? 75  GLN A CA  1 
ATOM   572 C  C   . GLN A 1 75 ? -2.876  -2.917  -10.253 1.00 42.29 ? 75  GLN A C   1 
ATOM   573 O  O   . GLN A 1 75 ? -3.351  -4.039  -9.976  1.00 44.20 ? 75  GLN A O   1 
ATOM   574 C  CB  . GLN A 1 75 ? -1.013  -1.936  -8.902  1.00 41.26 ? 75  GLN A CB  1 
ATOM   575 C  CG  . GLN A 1 75 ? -0.261  -1.264  -10.040 1.00 46.85 ? 75  GLN A CG  1 
ATOM   576 C  CD  . GLN A 1 75 ? -0.714  0.166   -10.275 1.00 49.37 ? 75  GLN A CD  1 
ATOM   577 O  OE1 . GLN A 1 75 ? -1.862  0.415   -10.650 1.00 50.93 ? 75  GLN A OE1 1 
ATOM   578 N  NE2 . GLN A 1 75 ? 0.187   1.116   -10.051 1.00 50.14 ? 75  GLN A NE2 1 
HETATM 579 CD CD  . CD  B 2 .  ? -1.510  15.648  10.569  0.17 61.72 ? 78  CD  A CD  1 
HETATM 580 C  C   . ACY C 3 .  ? 1.875   13.011  -8.572  1.00 51.60 ? 201 ACY A C   1 
HETATM 581 O  O   . ACY C 3 .  ? 1.570   14.114  -9.198  1.00 52.86 ? 201 ACY A O   1 
HETATM 582 O  OXT . ACY C 3 .  ? 2.699   12.867  -7.604  1.00 51.61 ? 201 ACY A OXT 1 
HETATM 583 C  CH3 . ACY C 3 .  ? 1.131   11.796  -9.102  1.00 51.74 ? 201 ACY A CH3 1 
HETATM 584 C  C   . ACY D 3 .  ? 17.094  3.928   -7.890  1.00 44.74 ? 202 ACY A C   1 
HETATM 585 O  O   . ACY D 3 .  ? 16.313  3.346   -8.759  1.00 45.43 ? 202 ACY A O   1 
HETATM 586 O  OXT . ACY D 3 .  ? 16.747  4.582   -6.846  1.00 44.17 ? 202 ACY A OXT 1 
HETATM 587 C  CH3 . ACY D 3 .  ? 18.570  3.773   -8.209  1.00 45.13 ? 202 ACY A CH3 1 
HETATM 588 C  C   . ACY E 3 .  ? 15.824  -4.653  1.015   1.00 30.72 ? 203 ACY A C   1 
HETATM 589 O  O   . ACY E 3 .  ? 14.685  -4.426  0.423   1.00 27.32 ? 203 ACY A O   1 
HETATM 590 O  OXT . ACY E 3 .  ? 16.406  -3.921  1.893   1.00 34.61 ? 203 ACY A OXT 1 
HETATM 591 C  CH3 . ACY E 3 .  ? 16.486  -5.944  0.567   1.00 26.21 ? 203 ACY A CH3 1 
HETATM 592 O  O   . HOH F 4 .  ? -5.253  -15.646 -7.327  0.50 44.16 ? 307 HOH A O   1 
HETATM 593 O  O   . HOH F 4 .  ? 9.369   -11.540 0.638   0.50 32.50 ? 309 HOH A O   1 
HETATM 594 O  O   . HOH F 4 .  ? 2.535   9.240   -0.707  1.00 32.51 ? 316 HOH A O   1 
HETATM 595 O  O   . HOH F 4 .  ? 6.795   -4.332  -7.226  1.00 29.31 ? 317 HOH A O   1 
HETATM 596 O  O   . HOH F 4 .  ? -4.657  -12.514 -0.733  1.00 37.58 ? 319 HOH A O   1 
HETATM 597 O  O   . HOH F 4 .  ? -10.041 -10.792 2.823   1.00 37.01 ? 320 HOH A O   1 
HETATM 598 O  O   . HOH F 4 .  ? 5.289   10.583  -17.340 1.00 47.79 ? 323 HOH A O   1 
HETATM 599 O  O   . HOH F 4 .  ? -23.166 -4.936  -2.494  1.00 44.77 ? 324 HOH A O   1 
HETATM 600 O  O   . HOH F 4 .  ? 1.723   -13.584 -5.214  1.00 36.16 ? 330 HOH A O   1 
HETATM 601 O  O   . HOH F 4 .  ? 1.523   -6.022  12.553  1.00 7.32  ? 377 HOH A O   1 
HETATM 602 O  O   . HOH F 4 .  ? 11.620  -9.571  0.944   1.00 19.10 ? 382 HOH A O   1 
HETATM 603 O  O   . HOH F 4 .  ? 14.440  -1.800  1.902   1.00 26.97 ? 385 HOH A O   1 
HETATM 604 O  O   . HOH F 4 .  ? -1.040  -7.769  -8.706  1.00 27.14 ? 387 HOH A O   1 
HETATM 605 O  O   . HOH F 4 .  ? 13.111  -3.447  -6.040  0.50 48.63 ? 398 HOH A O   1 
HETATM 606 O  O   . HOH F 4 .  ? 8.448   14.683  -5.285  1.00 29.37 ? 401 HOH A O   1 
HETATM 607 O  O   . HOH F 4 .  ? 10.033  -10.695 4.460   1.00 46.91 ? 404 HOH A O   1 
HETATM 608 O  O   . HOH F 4 .  ? 1.772   15.478  7.386   1.00 42.44 ? 405 HOH A O   1 
HETATM 609 O  O   . HOH F 4 .  ? -11.882 -13.135 6.195   1.00 46.20 ? 409 HOH A O   1 
HETATM 610 O  O   . HOH F 4 .  ? 9.557   13.345  -1.230  1.00 46.00 ? 411 HOH A O   1 
HETATM 611 O  O   . HOH F 4 .  ? 5.083   15.951  -10.516 1.00 36.28 ? 415 HOH A O   1 
HETATM 612 O  O   . HOH F 4 .  ? 4.558   17.532  -12.469 1.00 35.13 ? 421 HOH A O   1 
HETATM 613 O  O   . HOH F 4 .  ? -22.261 -2.775  -0.495  1.00 39.78 ? 422 HOH A O   1 
HETATM 614 O  O   . HOH F 4 .  ? 16.601  2.770   -1.369  1.00 41.00 ? 424 HOH A O   1 
HETATM 615 O  O   . HOH F 4 .  ? -0.058  -11.944 -7.882  1.00 36.03 ? 426 HOH A O   1 
HETATM 616 O  O   . HOH F 4 .  ? 2.741   9.858   -17.199 1.00 40.80 ? 428 HOH A O   1 
HETATM 617 O  O   . HOH F 4 .  ? 4.514   14.460  2.378   1.00 40.07 ? 430 HOH A O   1 
HETATM 618 O  O   . HOH F 4 .  ? 0.137   -5.369  -11.501 1.00 37.68 ? 431 HOH A O   1 
HETATM 619 O  O   . HOH F 4 .  ? -8.002  -5.660  16.136  1.00 45.52 ? 436 HOH A O   1 
HETATM 620 O  O   . HOH F 4 .  ? -3.362  11.643  13.874  0.17 44.43 ? 442 HOH A O   1 
HETATM 621 O  O   . HOH F 4 .  ? 0.555   -7.717  14.494  1.00 31.79 ? 443 HOH A O   1 
HETATM 622 O  O   . HOH F 4 .  ? -0.279  18.313  8.371   0.17 39.19 ? 444 HOH A O   1 
HETATM 623 O  O   . HOH F 4 .  ? -1.127  0.360   16.068  1.00 54.10 ? 445 HOH A O   1 
HETATM 624 O  O   . HOH F 4 .  ? 6.461   16.438  -5.763  1.00 33.30 ? 446 HOH A O   1 
# 
